data_6V3J
#
_entry.id   6V3J
#
_cell.length_a   51.759
_cell.length_b   60.771
_cell.length_c   65.360
_cell.angle_alpha   96.650
_cell.angle_beta   97.390
_cell.angle_gamma   109.180
#
_symmetry.space_group_name_H-M   'P 1'
#
loop_
_entity.id
_entity.type
_entity.pdbx_description
1 polymer 'HLA-B alpha chain (B*5703GB)'
2 polymer Beta-2-microglobulin
3 polymer 'Peptide Leu-Ser-Ser-Pro-Val-Thr-Lys-Ser-Phe'
4 polymer 'Killer cell immunoglobulin-like receptor 3DL1'
5 non-polymer 2-acetamido-2-deoxy-beta-D-glucopyranose
6 water water
#
loop_
_entity_poly.entity_id
_entity_poly.type
_entity_poly.pdbx_seq_one_letter_code
_entity_poly.pdbx_strand_id
1 'polypeptide(L)'
;GSHSMRYFYTAMSRPGRGEPRFIAVGYVDDTQFVRFDSDAASPRMAPRAPWIEQEGPEYWDGETRNMKASAQTYRENLRI
ALRYYNQSEAGSHIIQVMYGCDVGPDGRLLRGHNQYAYDGKDYIALNEDLSSWTAADTAAQITQRKWEAARVAEQLRAYL
EGLCVEWLRRYLENGKETLQRADPPKTHVTHHPISDHEATLRCWALGFYPAEITLTWQRDGEDQTQDTELVETRPAGDRT
FQKWAAVVVPSGEEQRYTCHVQHEGLPKPLTLRWE
;
A
2 'polypeptide(L)'
;MIQRTPKIQVYSRHPAENGKSNFLNCYVSGFHPSDIEVDLLKNGERIEKVEHSDLSFSKDWSFYLLYYTEFTPTEKDEYA
CRVNHVTLSQPKIVKWDRDM
;
B
3 'polypeptide(L)' LSSPVTKSF C
4 'polypeptide(L)'
;HMGGQDKPFLSAWPSAVVPRGGHVTLRCHYRHRFNNFMLYKEDRIHIPIFHGRIFQESFNMSPVTTAHAGNYTCRGSHPH
SPTGWSAPSNPVVIMVTGNHRKPSLLAHPGPLVKSGERVILQCWSDIMFEHFFLHKEGISKDPSRLVGQIHDGVSKANFS
IGPMMLALAGTYRCYGSVTHTPYQLSAPSDPLDIVVTGPYEKPSLSAQPGPKVQAGESVTLSCSSRSSYDMYHLSREGGA
HERRLPAVRKVNRTFQADFPLGPATHGGTYRCFGSFRHSPYEWSDPSDPLLVSVTGNPS
;
G
#
loop_
_chem_comp.id
_chem_comp.type
_chem_comp.name
_chem_comp.formula
NAG D-saccharide, beta linking 2-acetamido-2-deoxy-beta-D-glucopyranose 'C8 H15 N O6'
#
# COMPACT_ATOMS: atom_id res chain seq x y z
N GLY A 1 -7.34 -30.99 -8.97
CA GLY A 1 -6.40 -30.21 -8.21
C GLY A 1 -7.09 -29.92 -6.93
N SER A 2 -6.51 -29.16 -6.02
CA SER A 2 -5.26 -28.43 -6.06
C SER A 2 -5.54 -26.99 -6.46
N HIS A 3 -5.70 -26.18 -5.44
CA HIS A 3 -6.09 -24.82 -5.65
C HIS A 3 -5.40 -23.90 -4.71
N SER A 4 -5.50 -22.63 -5.01
CA SER A 4 -4.85 -21.64 -4.19
C SER A 4 -5.71 -20.40 -4.00
N MET A 5 -5.48 -19.72 -2.89
CA MET A 5 -6.04 -18.39 -2.69
C MET A 5 -4.90 -17.46 -2.37
N ARG A 6 -4.95 -16.27 -2.95
CA ARG A 6 -3.91 -15.27 -2.71
C ARG A 6 -4.49 -13.88 -2.61
N TYR A 7 -3.93 -13.08 -1.71
CA TYR A 7 -4.22 -11.65 -1.65
C TYR A 7 -2.95 -10.91 -1.99
N PHE A 8 -3.13 -9.81 -2.72
CA PHE A 8 -2.01 -9.01 -3.17
C PHE A 8 -2.29 -7.58 -2.73
N TYR A 9 -1.37 -6.99 -1.98
CA TYR A 9 -1.52 -5.60 -1.53
C TYR A 9 -0.44 -4.76 -2.18
N THR A 10 -0.80 -3.55 -2.59
CA THR A 10 0.15 -2.57 -3.09
C THR A 10 -0.16 -1.31 -2.31
N ALA A 11 0.85 -0.80 -1.60
CA ALA A 11 0.72 0.45 -0.88
C ALA A 11 1.78 1.38 -1.43
N MET A 12 1.36 2.56 -1.88
CA MET A 12 2.27 3.45 -2.58
C MET A 12 2.19 4.87 -2.04
N SER A 13 3.34 5.48 -1.87
CA SER A 13 3.36 6.91 -1.58
C SER A 13 3.61 7.67 -2.88
N ARG A 14 3.14 8.91 -2.92
CA ARG A 14 3.30 9.76 -4.09
C ARG A 14 3.21 11.23 -3.68
N PRO A 15 4.17 11.72 -2.89
CA PRO A 15 4.13 13.10 -2.37
C PRO A 15 3.84 14.14 -3.46
N GLY A 16 2.83 14.96 -3.25
CA GLY A 16 2.48 16.02 -4.18
C GLY A 16 1.60 15.58 -5.34
N ARG A 17 1.41 14.26 -5.47
CA ARG A 17 0.61 13.71 -6.55
C ARG A 17 -0.69 13.14 -6.00
N GLY A 18 -0.65 12.70 -4.75
CA GLY A 18 -1.83 12.17 -4.10
C GLY A 18 -1.56 11.72 -2.67
N GLU A 19 -2.62 11.28 -2.00
CA GLU A 19 -2.54 10.77 -0.64
C GLU A 19 -1.97 9.36 -0.80
N PRO A 20 -1.35 8.80 0.25
CA PRO A 20 -0.84 7.45 0.00
C PRO A 20 -2.00 6.54 -0.38
N ARG A 21 -1.72 5.54 -1.18
CA ARG A 21 -2.81 4.75 -1.74
C ARG A 21 -2.56 3.28 -1.45
N PHE A 22 -3.65 2.58 -1.19
CA PHE A 22 -3.61 1.16 -0.91
C PHE A 22 -4.63 0.44 -1.77
N ILE A 23 -4.16 -0.53 -2.55
CA ILE A 23 -5.03 -1.34 -3.38
C ILE A 23 -4.80 -2.77 -3.01
N ALA A 24 -5.90 -3.51 -2.86
CA ALA A 24 -5.81 -4.92 -2.56
C ALA A 24 -6.65 -5.68 -3.54
N VAL A 25 -6.17 -6.84 -3.97
CA VAL A 25 -6.95 -7.70 -4.84
C VAL A 25 -6.85 -9.13 -4.31
N GLY A 26 -7.92 -9.90 -4.48
CA GLY A 26 -7.94 -11.27 -4.02
C GLY A 26 -8.18 -12.17 -5.22
N TYR A 27 -7.48 -13.31 -5.24
CA TYR A 27 -7.55 -14.29 -6.32
C TYR A 27 -7.83 -15.67 -5.76
N VAL A 28 -8.69 -16.42 -6.45
CA VAL A 28 -8.71 -17.86 -6.32
C VAL A 28 -8.18 -18.42 -7.63
N ASP A 29 -7.11 -19.22 -7.53
CA ASP A 29 -6.36 -19.61 -8.73
C ASP A 29 -6.07 -18.40 -9.63
N ASP A 30 -6.53 -18.45 -10.89
CA ASP A 30 -6.27 -17.34 -11.81
C ASP A 30 -7.45 -16.38 -11.94
N THR A 31 -8.38 -16.44 -11.00
CA THR A 31 -9.60 -15.64 -11.05
C THR A 31 -9.66 -14.58 -9.94
N GLN A 32 -9.70 -13.30 -10.31
CA GLN A 32 -9.81 -12.27 -9.28
C GLN A 32 -11.26 -12.22 -8.82
N PHE A 33 -11.49 -12.07 -7.51
CA PHE A 33 -12.85 -12.13 -7.01
C PHE A 33 -13.23 -10.98 -6.09
N VAL A 34 -12.24 -10.24 -5.59
CA VAL A 34 -12.49 -9.06 -4.76
C VAL A 34 -11.44 -7.98 -5.01
N ARG A 35 -11.79 -6.75 -4.66
CA ARG A 35 -10.86 -5.63 -4.72
C ARG A 35 -11.17 -4.59 -3.64
N PHE A 36 -10.14 -3.86 -3.25
CA PHE A 36 -10.30 -2.69 -2.38
C PHE A 36 -9.34 -1.60 -2.86
N ASP A 37 -9.83 -0.37 -3.00
CA ASP A 37 -8.97 0.71 -3.48
C ASP A 37 -9.24 1.93 -2.60
N SER A 38 -8.21 2.42 -1.93
CA SER A 38 -8.40 3.50 -0.95
C SER A 38 -8.73 4.85 -1.61
N ASP A 39 -8.51 4.98 -2.91
CA ASP A 39 -8.75 6.24 -3.63
C ASP A 39 -10.22 6.53 -3.89
N ALA A 40 -11.03 5.48 -3.97
CA ALA A 40 -12.47 5.62 -4.12
C ALA A 40 -12.99 6.62 -3.07
N ALA A 41 -14.04 7.37 -3.43
CA ALA A 41 -14.60 8.35 -2.52
C ALA A 41 -15.03 7.71 -1.20
N SER A 42 -15.70 6.57 -1.31
CA SER A 42 -16.10 5.79 -0.15
C SER A 42 -15.62 4.34 -0.30
N PRO A 43 -14.38 4.06 0.11
CA PRO A 43 -13.73 2.77 -0.17
C PRO A 43 -14.47 1.61 0.49
N ARG A 44 -14.66 0.52 -0.25
CA ARG A 44 -15.27 -0.70 0.26
C ARG A 44 -14.60 -1.89 -0.41
N MET A 45 -14.56 -3.03 0.28
CA MET A 45 -14.21 -4.25 -0.43
C MET A 45 -15.36 -4.54 -1.37
N ALA A 46 -15.04 -4.92 -2.60
CA ALA A 46 -16.06 -5.09 -3.62
C ALA A 46 -15.85 -6.37 -4.43
N PRO A 47 -16.96 -6.96 -4.90
CA PRO A 47 -16.89 -8.21 -5.68
C PRO A 47 -16.32 -7.95 -7.07
N ARG A 48 -15.46 -8.85 -7.56
CA ARG A 48 -14.97 -8.72 -8.92
C ARG A 48 -15.20 -10.00 -9.71
N ALA A 49 -15.92 -10.93 -9.11
CA ALA A 49 -16.40 -12.11 -9.81
C ALA A 49 -17.81 -12.38 -9.37
N PRO A 50 -18.67 -12.85 -10.30
CA PRO A 50 -20.09 -13.04 -10.03
C PRO A 50 -20.40 -14.00 -8.88
N TRP A 51 -19.60 -15.05 -8.71
CA TRP A 51 -19.93 -16.06 -7.69
C TRP A 51 -19.71 -15.61 -6.25
N ILE A 52 -19.15 -14.42 -6.05
CA ILE A 52 -19.00 -13.91 -4.69
C ILE A 52 -20.07 -12.85 -4.38
N GLU A 53 -20.83 -12.43 -5.40
CA GLU A 53 -21.75 -11.30 -5.24
C GLU A 53 -22.88 -11.56 -4.25
N GLN A 54 -23.29 -12.82 -4.11
CA GLN A 54 -24.43 -13.15 -3.25
C GLN A 54 -23.95 -13.46 -1.83
N GLU A 55 -22.70 -13.13 -1.57
CA GLU A 55 -22.17 -13.24 -0.23
C GLU A 55 -22.85 -12.11 0.55
N GLY A 56 -23.20 -12.35 1.81
CA GLY A 56 -23.98 -11.40 2.56
C GLY A 56 -23.29 -10.12 3.01
N PRO A 57 -24.07 -9.15 3.51
CA PRO A 57 -23.59 -7.82 3.89
C PRO A 57 -22.56 -7.90 5.04
N GLU A 58 -22.67 -8.92 5.88
CA GLU A 58 -21.72 -9.17 6.97
CA GLU A 58 -21.72 -9.09 6.96
C GLU A 58 -20.31 -9.35 6.43
N TYR A 59 -20.22 -10.05 5.30
CA TYR A 59 -18.96 -10.31 4.62
C TYR A 59 -18.31 -9.01 4.13
N TRP A 60 -19.07 -8.23 3.35
CA TRP A 60 -18.55 -6.98 2.79
C TRP A 60 -18.20 -5.97 3.88
N ASP A 61 -19.00 -5.90 4.93
CA ASP A 61 -18.73 -4.96 6.01
C ASP A 61 -17.44 -5.36 6.75
N GLY A 62 -17.33 -6.64 7.09
CA GLY A 62 -16.14 -7.12 7.77
C GLY A 62 -14.86 -6.92 6.96
N GLU A 63 -14.94 -7.24 5.67
CA GLU A 63 -13.79 -7.10 4.79
C GLU A 63 -13.43 -5.64 4.57
N THR A 64 -14.44 -4.78 4.46
CA THR A 64 -14.18 -3.35 4.39
C THR A 64 -13.45 -2.81 5.63
N ARG A 65 -13.88 -3.22 6.83
CA ARG A 65 -13.16 -2.74 8.03
C ARG A 65 -11.72 -3.22 8.04
N ASN A 66 -11.56 -4.49 7.70
CA ASN A 66 -10.22 -5.05 7.67
C ASN A 66 -9.31 -4.32 6.68
N MET A 67 -9.83 -4.02 5.49
CA MET A 67 -9.05 -3.28 4.51
C MET A 67 -8.73 -1.85 4.96
N LYS A 68 -9.67 -1.18 5.62
CA LYS A 68 -9.38 0.18 6.09
C LYS A 68 -8.24 0.18 7.12
N ALA A 69 -8.30 -0.81 8.00
CA ALA A 69 -7.25 -0.96 9.01
C ALA A 69 -5.91 -1.27 8.36
N SER A 70 -5.92 -2.19 7.37
CA SER A 70 -4.70 -2.54 6.67
C SER A 70 -4.09 -1.35 5.94
N ALA A 71 -4.93 -0.56 5.28
CA ALA A 71 -4.49 0.67 4.61
C ALA A 71 -3.78 1.60 5.59
N GLN A 72 -4.39 1.79 6.76
CA GLN A 72 -3.75 2.62 7.77
C GLN A 72 -2.36 2.08 8.16
N THR A 73 -2.33 0.77 8.37
CA THR A 73 -1.11 0.11 8.78
C THR A 73 -0.01 0.30 7.75
N TYR A 74 -0.33 0.12 6.47
CA TYR A 74 0.67 0.26 5.41
C TYR A 74 1.10 1.70 5.11
N ARG A 75 0.22 2.68 5.30
CA ARG A 75 0.69 4.07 5.25
C ARG A 75 1.77 4.31 6.32
N GLU A 76 1.48 3.81 7.54
CA GLU A 76 2.50 3.93 8.57
C GLU A 76 3.76 3.14 8.20
N ASN A 77 3.62 1.95 7.61
CA ASN A 77 4.79 1.19 7.17
C ASN A 77 5.63 1.92 6.14
N LEU A 78 4.99 2.70 5.25
CA LEU A 78 5.76 3.52 4.33
C LEU A 78 6.59 4.55 5.08
N ARG A 79 5.97 5.18 6.09
CA ARG A 79 6.80 6.12 6.90
C ARG A 79 7.98 5.43 7.62
N ILE A 80 7.68 4.29 8.24
CA ILE A 80 8.69 3.53 8.93
C ILE A 80 9.83 3.15 7.98
N ALA A 81 9.48 2.68 6.79
CA ALA A 81 10.49 2.30 5.80
C ALA A 81 11.37 3.48 5.43
N LEU A 82 10.75 4.66 5.29
CA LEU A 82 11.55 5.87 5.08
C LEU A 82 12.59 5.99 6.19
N ARG A 83 12.19 5.78 7.43
CA ARG A 83 13.21 5.86 8.49
C ARG A 83 14.28 4.75 8.42
N TYR A 84 13.85 3.51 8.20
CA TYR A 84 14.77 2.37 8.12
C TYR A 84 15.84 2.56 7.06
N TYR A 85 15.46 3.11 5.91
CA TYR A 85 16.43 3.20 4.81
C TYR A 85 17.07 4.58 4.68
N ASN A 86 16.75 5.48 5.61
CA ASN A 86 17.26 6.85 5.57
C ASN A 86 17.02 7.53 4.21
N GLN A 87 15.75 7.53 3.79
CA GLN A 87 15.33 8.10 2.51
C GLN A 87 14.56 9.40 2.72
N SER A 88 14.52 10.27 1.71
CA SER A 88 13.85 11.54 1.89
C SER A 88 12.34 11.39 1.76
N GLU A 89 11.62 12.32 2.36
CA GLU A 89 10.17 12.28 2.35
C GLU A 89 9.57 12.82 1.06
N ALA A 90 10.42 13.18 0.10
CA ALA A 90 9.96 13.69 -1.19
C ALA A 90 9.72 12.58 -2.21
N GLY A 91 10.36 11.43 -2.00
CA GLY A 91 10.30 10.35 -2.98
C GLY A 91 9.09 9.46 -2.91
N SER A 92 8.83 8.74 -3.99
CA SER A 92 7.69 7.83 -4.05
C SER A 92 8.21 6.40 -3.88
N HIS A 93 7.54 5.65 -3.00
CA HIS A 93 7.96 4.28 -2.67
C HIS A 93 6.77 3.34 -2.63
N ILE A 94 7.06 2.05 -2.73
CA ILE A 94 6.02 1.03 -2.80
C ILE A 94 6.32 -0.15 -1.89
N ILE A 95 5.34 -0.51 -1.08
CA ILE A 95 5.35 -1.77 -0.34
C ILE A 95 4.37 -2.73 -1.00
N GLN A 96 4.79 -3.97 -1.22
CA GLN A 96 3.92 -4.98 -1.79
C GLN A 96 3.82 -6.19 -0.87
N VAL A 97 2.65 -6.80 -0.81
CA VAL A 97 2.49 -7.98 0.05
C VAL A 97 1.74 -9.04 -0.74
N MET A 98 2.17 -10.28 -0.65
CA MET A 98 1.32 -11.36 -1.15
C MET A 98 1.22 -12.46 -0.12
N TYR A 99 0.01 -12.96 0.09
CA TYR A 99 -0.14 -14.04 1.06
C TYR A 99 -1.27 -14.94 0.69
N GLY A 100 -1.32 -16.12 1.30
CA GLY A 100 -2.41 -17.03 1.05
C GLY A 100 -2.08 -18.50 1.23
N CYS A 101 -2.96 -19.36 0.74
CA CYS A 101 -2.81 -20.79 1.02
C CYS A 101 -3.02 -21.66 -0.22
N ASP A 102 -2.33 -22.79 -0.27
CA ASP A 102 -2.56 -23.82 -1.29
C ASP A 102 -3.15 -25.03 -0.60
N VAL A 103 -4.18 -25.60 -1.23
CA VAL A 103 -4.83 -26.81 -0.74
C VAL A 103 -4.86 -27.88 -1.81
N GLY A 104 -4.92 -29.13 -1.37
CA GLY A 104 -5.02 -30.28 -2.25
C GLY A 104 -6.45 -30.66 -2.63
N PRO A 105 -6.59 -31.73 -3.45
CA PRO A 105 -7.88 -32.25 -3.90
C PRO A 105 -8.87 -32.48 -2.76
N ASP A 106 -8.35 -32.80 -1.58
CA ASP A 106 -9.19 -33.08 -0.42
C ASP A 106 -9.53 -31.82 0.37
N GLY A 107 -9.11 -30.67 -0.12
CA GLY A 107 -9.40 -29.41 0.53
C GLY A 107 -8.51 -29.08 1.71
N ARG A 108 -7.53 -29.94 1.98
CA ARG A 108 -6.63 -29.72 3.11
C ARG A 108 -5.39 -28.89 2.74
N LEU A 109 -4.89 -28.13 3.72
CA LEU A 109 -3.74 -27.26 3.51
C LEU A 109 -2.51 -27.99 2.99
N LEU A 110 -1.93 -27.44 1.92
CA LEU A 110 -0.67 -27.92 1.39
C LEU A 110 0.46 -26.99 1.75
N ARG A 111 0.24 -25.70 1.59
CA ARG A 111 1.30 -24.75 1.91
C ARG A 111 0.76 -23.35 2.21
N GLY A 112 1.41 -22.63 3.13
CA GLY A 112 1.01 -21.26 3.41
C GLY A 112 2.09 -20.29 2.94
N HIS A 113 1.68 -19.05 2.64
CA HIS A 113 2.59 -18.07 2.06
C HIS A 113 2.30 -16.71 2.68
N ASN A 114 3.36 -15.95 2.95
CA ASN A 114 3.23 -14.54 3.32
C ASN A 114 4.57 -13.84 3.06
N GLN A 115 4.63 -13.04 2.01
CA GLN A 115 5.86 -12.37 1.57
C GLN A 115 5.65 -10.87 1.39
N TYR A 116 6.66 -10.09 1.75
CA TYR A 116 6.62 -8.64 1.59
C TYR A 116 7.84 -8.16 0.84
N ALA A 117 7.63 -7.05 0.12
CA ALA A 117 8.63 -6.41 -0.71
C ALA A 117 8.62 -4.89 -0.51
N TYR A 118 9.79 -4.27 -0.67
CA TYR A 118 9.88 -2.81 -0.65
C TYR A 118 10.57 -2.33 -1.93
N ASP A 119 9.90 -1.42 -2.65
CA ASP A 119 10.42 -0.92 -3.92
C ASP A 119 10.82 -2.05 -4.88
N GLY A 120 10.00 -3.09 -4.95
CA GLY A 120 10.23 -4.14 -5.92
C GLY A 120 11.31 -5.17 -5.57
N LYS A 121 11.83 -5.12 -4.35
CA LYS A 121 12.79 -6.11 -3.90
C LYS A 121 12.28 -6.82 -2.66
N ASP A 122 12.69 -8.08 -2.51
CA ASP A 122 12.32 -8.87 -1.34
C ASP A 122 12.62 -8.09 -0.07
N TYR A 123 11.68 -8.07 0.87
CA TYR A 123 11.93 -7.43 2.14
C TYR A 123 11.91 -8.46 3.24
N ILE A 124 10.77 -9.09 3.46
CA ILE A 124 10.76 -10.13 4.50
C ILE A 124 9.71 -11.16 4.18
N ALA A 125 9.98 -12.41 4.54
CA ALA A 125 9.07 -13.48 4.17
C ALA A 125 8.90 -14.49 5.30
N LEU A 126 7.67 -14.99 5.46
CA LEU A 126 7.39 -16.07 6.37
C LEU A 126 7.92 -17.37 5.77
N ASN A 127 8.62 -18.15 6.58
CA ASN A 127 9.19 -19.40 6.08
C ASN A 127 8.12 -20.47 5.93
N GLU A 128 8.43 -21.53 5.19
CA GLU A 128 7.50 -22.64 4.96
C GLU A 128 6.94 -23.24 6.26
N ASP A 129 7.75 -23.25 7.32
CA ASP A 129 7.27 -23.78 8.59
C ASP A 129 6.20 -22.90 9.23
N LEU A 130 5.98 -21.72 8.65
CA LEU A 130 5.01 -20.74 9.16
C LEU A 130 5.31 -20.35 10.61
N SER A 131 6.56 -20.38 11.01
CA SER A 131 6.89 -20.02 12.39
C SER A 131 8.20 -19.27 12.51
N SER A 132 8.78 -18.90 11.38
CA SER A 132 10.04 -18.17 11.38
C SER A 132 10.16 -17.31 10.14
N TRP A 133 11.08 -16.35 10.18
CA TRP A 133 11.20 -15.38 9.10
C TRP A 133 12.53 -15.43 8.39
N THR A 134 12.51 -15.03 7.13
CA THR A 134 13.72 -14.71 6.38
C THR A 134 13.73 -13.23 6.01
N ALA A 135 14.68 -12.50 6.57
CA ALA A 135 14.84 -11.07 6.29
C ALA A 135 15.90 -10.82 5.24
N ALA A 136 15.60 -9.98 4.24
CA ALA A 136 16.49 -9.83 3.11
C ALA A 136 17.64 -8.84 3.35
N ASP A 137 17.48 -7.98 4.36
CA ASP A 137 18.47 -6.94 4.67
C ASP A 137 18.35 -6.47 6.12
N THR A 138 19.15 -5.49 6.54
CA THR A 138 19.17 -5.08 7.94
C THR A 138 17.88 -4.38 8.45
N ALA A 139 17.23 -3.62 7.57
CA ALA A 139 15.96 -2.98 7.89
C ALA A 139 14.93 -4.07 8.23
N ALA A 140 14.85 -5.01 7.29
CA ALA A 140 13.97 -6.13 7.47
C ALA A 140 14.37 -6.90 8.72
N GLN A 141 15.64 -6.86 9.11
CA GLN A 141 16.03 -7.56 10.32
C GLN A 141 15.45 -6.85 11.54
N ILE A 142 15.28 -5.54 11.43
CA ILE A 142 14.58 -4.81 12.50
C ILE A 142 13.13 -5.30 12.58
N THR A 143 12.50 -5.35 11.41
CA THR A 143 11.11 -5.84 11.38
C THR A 143 11.02 -7.26 11.98
N GLN A 144 11.97 -8.10 11.62
CA GLN A 144 12.05 -9.48 12.13
C GLN A 144 12.13 -9.50 13.66
N ARG A 145 12.99 -8.67 14.24
CA ARG A 145 13.09 -8.64 15.70
C ARG A 145 11.77 -8.23 16.34
N LYS A 146 11.10 -7.24 15.74
CA LYS A 146 9.77 -6.87 16.24
C LYS A 146 8.76 -8.01 16.17
N TRP A 147 8.65 -8.63 15.00
CA TRP A 147 7.64 -9.66 14.79
C TRP A 147 7.90 -10.90 15.65
N GLU A 148 9.16 -11.20 15.89
CA GLU A 148 9.49 -12.31 16.77
C GLU A 148 9.11 -11.93 18.19
N ALA A 149 9.41 -10.71 18.58
CA ALA A 149 9.03 -10.24 19.91
C ALA A 149 7.50 -10.20 20.11
N ALA A 150 6.76 -9.95 19.03
CA ALA A 150 5.29 -9.89 19.11
C ALA A 150 4.55 -11.20 18.78
N ARG A 151 5.28 -12.29 18.52
CA ARG A 151 4.66 -13.56 18.12
C ARG A 151 3.71 -13.41 16.93
N VAL A 152 4.15 -12.67 15.90
CA VAL A 152 3.32 -12.44 14.72
C VAL A 152 3.07 -13.73 13.91
N ALA A 153 4.12 -14.55 13.81
CA ALA A 153 4.07 -15.75 12.98
C ALA A 153 2.97 -16.68 13.50
N GLU A 154 2.77 -16.77 14.81
CA GLU A 154 1.70 -17.60 15.37
C GLU A 154 0.31 -17.17 14.88
N GLN A 155 0.08 -15.85 14.86
CA GLN A 155 -1.20 -15.32 14.41
C GLN A 155 -1.40 -15.60 12.93
N LEU A 156 -0.33 -15.42 12.15
CA LEU A 156 -0.43 -15.68 10.71
C LEU A 156 -0.66 -17.16 10.42
N ARG A 157 0.02 -18.01 11.16
CA ARG A 157 -0.13 -19.46 11.04
C ARG A 157 -1.57 -19.85 11.35
N ALA A 158 -2.10 -19.25 12.40
CA ALA A 158 -3.50 -19.48 12.77
C ALA A 158 -4.43 -19.07 11.64
N TYR A 159 -4.17 -17.94 11.01
CA TYR A 159 -4.96 -17.56 9.84
C TYR A 159 -4.86 -18.55 8.67
N LEU A 160 -3.64 -18.93 8.33
CA LEU A 160 -3.39 -19.77 7.15
C LEU A 160 -3.93 -21.19 7.30
N GLU A 161 -3.89 -21.71 8.52
CA GLU A 161 -4.39 -23.05 8.82
C GLU A 161 -5.91 -23.06 8.94
N GLY A 162 -6.47 -21.92 9.32
CA GLY A 162 -7.87 -21.83 9.67
C GLY A 162 -8.72 -21.14 8.61
N LEU A 163 -8.96 -19.84 8.81
CA LEU A 163 -9.77 -19.04 7.90
C LEU A 163 -9.40 -19.14 6.42
N CYS A 164 -8.12 -19.16 6.10
CA CYS A 164 -7.67 -19.16 4.71
C CYS A 164 -8.20 -20.40 3.99
N VAL A 165 -8.00 -21.57 4.60
CA VAL A 165 -8.44 -22.85 4.05
C VAL A 165 -9.95 -22.97 3.97
N GLU A 166 -10.62 -22.58 5.05
CA GLU A 166 -12.07 -22.69 5.15
C GLU A 166 -12.76 -21.83 4.09
N TRP A 167 -12.29 -20.60 3.97
CA TRP A 167 -12.83 -19.70 2.95
C TRP A 167 -12.45 -20.09 1.53
N LEU A 168 -11.22 -20.56 1.29
CA LEU A 168 -10.91 -21.05 -0.04
C LEU A 168 -11.86 -22.19 -0.42
N ARG A 169 -12.11 -23.10 0.50
CA ARG A 169 -13.06 -24.20 0.23
C ARG A 169 -14.44 -23.62 -0.11
N ARG A 170 -14.88 -22.65 0.69
CA ARG A 170 -16.18 -22.03 0.43
C ARG A 170 -16.24 -21.37 -0.96
N TYR A 171 -15.19 -20.67 -1.37
CA TYR A 171 -15.19 -19.98 -2.66
C TYR A 171 -15.19 -21.02 -3.79
N LEU A 172 -14.42 -22.09 -3.62
CA LEU A 172 -14.33 -23.14 -4.62
C LEU A 172 -15.72 -23.74 -4.80
N GLU A 173 -16.46 -23.82 -3.70
CA GLU A 173 -17.84 -24.29 -3.81
C GLU A 173 -18.75 -23.26 -4.52
N ASN A 174 -18.69 -22.00 -4.08
CA ASN A 174 -19.50 -20.93 -4.67
C ASN A 174 -19.36 -20.82 -6.17
N GLY A 175 -18.12 -20.96 -6.64
CA GLY A 175 -17.81 -20.81 -8.05
C GLY A 175 -17.47 -22.08 -8.81
N LYS A 176 -17.99 -23.21 -8.35
CA LYS A 176 -17.56 -24.50 -8.85
C LYS A 176 -17.56 -24.61 -10.37
N GLU A 177 -18.63 -24.16 -11.02
CA GLU A 177 -18.77 -24.40 -12.46
C GLU A 177 -17.87 -23.52 -13.32
N THR A 178 -17.23 -22.52 -12.73
CA THR A 178 -16.17 -21.80 -13.42
C THR A 178 -14.80 -22.17 -12.87
N LEU A 179 -14.64 -22.17 -11.54
CA LEU A 179 -13.33 -22.41 -10.97
C LEU A 179 -12.83 -23.86 -11.07
N GLN A 180 -13.74 -24.83 -11.02
CA GLN A 180 -13.31 -26.23 -10.98
C GLN A 180 -13.68 -27.02 -12.24
N ARG A 181 -14.02 -26.31 -13.30
CA ARG A 181 -14.35 -26.91 -14.58
C ARG A 181 -13.46 -26.29 -15.63
N ALA A 182 -12.37 -26.96 -15.97
CA ALA A 182 -11.43 -26.38 -16.90
C ALA A 182 -12.13 -26.14 -18.22
N ASP A 183 -11.82 -25.00 -18.83
CA ASP A 183 -12.30 -24.69 -20.15
C ASP A 183 -11.15 -24.97 -21.11
N PRO A 184 -11.33 -25.96 -22.00
CA PRO A 184 -10.26 -26.27 -22.93
C PRO A 184 -10.04 -25.16 -23.94
N PRO A 185 -8.83 -25.06 -24.49
CA PRO A 185 -8.59 -24.04 -25.51
C PRO A 185 -9.27 -24.38 -26.83
N LYS A 186 -9.76 -23.36 -27.52
CA LYS A 186 -10.12 -23.49 -28.92
C LYS A 186 -8.84 -23.21 -29.69
N THR A 187 -8.48 -24.09 -30.61
CA THR A 187 -7.17 -23.99 -31.21
C THR A 187 -7.22 -23.89 -32.72
N HIS A 188 -6.20 -23.23 -33.29
CA HIS A 188 -6.05 -23.26 -34.75
C HIS A 188 -4.65 -22.83 -35.16
N VAL A 189 -4.27 -23.15 -36.39
CA VAL A 189 -2.97 -22.74 -36.89
C VAL A 189 -3.10 -21.78 -38.07
N THR A 190 -2.33 -20.69 -38.05
CA THR A 190 -2.34 -19.77 -39.17
C THR A 190 -0.97 -19.73 -39.85
N HIS A 191 -0.97 -19.28 -41.10
CA HIS A 191 0.20 -19.28 -41.96
C HIS A 191 0.45 -17.92 -42.63
N HIS A 192 1.66 -17.40 -42.47
CA HIS A 192 2.00 -16.09 -43.01
C HIS A 192 3.34 -16.05 -43.74
N PRO A 193 3.34 -15.79 -45.05
CA PRO A 193 4.64 -15.82 -45.73
C PRO A 193 5.50 -14.69 -45.17
N ILE A 194 6.81 -14.87 -45.18
CA ILE A 194 7.73 -13.86 -44.73
C ILE A 194 8.58 -13.40 -45.88
N SER A 195 8.98 -14.37 -46.68
CA SER A 195 9.79 -14.13 -47.82
C SER A 195 9.41 -15.15 -48.84
N ASP A 196 10.13 -15.17 -49.93
CA ASP A 196 9.86 -16.10 -50.99
C ASP A 196 10.44 -17.44 -50.58
N HIS A 197 11.15 -17.53 -49.47
CA HIS A 197 11.77 -18.79 -49.07
C HIS A 197 11.52 -19.29 -47.64
N GLU A 198 10.90 -18.44 -46.87
CA GLU A 198 10.50 -18.72 -45.50
C GLU A 198 9.06 -18.27 -45.21
N ALA A 199 8.44 -18.88 -44.20
CA ALA A 199 7.10 -18.49 -43.74
C ALA A 199 6.92 -18.77 -42.25
N THR A 200 5.94 -18.10 -41.62
CA THR A 200 5.62 -18.34 -40.22
C THR A 200 4.37 -19.18 -40.02
N LEU A 201 4.51 -20.19 -39.15
CA LEU A 201 3.36 -20.95 -38.67
C LEU A 201 3.07 -20.55 -37.23
N ARG A 202 1.83 -20.15 -36.97
CA ARG A 202 1.43 -19.72 -35.63
C ARG A 202 0.31 -20.58 -35.06
N CYS A 203 0.58 -21.21 -33.93
CA CYS A 203 -0.38 -22.07 -33.27
C CYS A 203 -1.08 -21.30 -32.16
N TRP A 204 -2.40 -21.25 -32.25
CA TRP A 204 -3.23 -20.45 -31.36
C TRP A 204 -4.03 -21.30 -30.40
N ALA A 205 -4.09 -20.84 -29.15
CA ALA A 205 -4.97 -21.39 -28.13
C ALA A 205 -5.73 -20.23 -27.49
N LEU A 206 -7.06 -20.32 -27.52
CA LEU A 206 -7.91 -19.23 -27.07
C LEU A 206 -9.02 -19.68 -26.14
N GLY A 207 -9.39 -18.82 -25.20
CA GLY A 207 -10.58 -19.05 -24.40
C GLY A 207 -10.44 -20.16 -23.38
N PHE A 208 -9.21 -20.44 -22.95
CA PHE A 208 -8.97 -21.50 -21.98
C PHE A 208 -8.85 -21.01 -20.54
N TYR A 209 -9.21 -21.89 -19.61
CA TYR A 209 -9.03 -21.65 -18.18
C TYR A 209 -8.85 -23.00 -17.48
N PRO A 210 -7.87 -23.12 -16.56
CA PRO A 210 -7.01 -22.04 -16.05
C PRO A 210 -5.88 -21.65 -17.01
N ALA A 211 -5.07 -20.68 -16.60
CA ALA A 211 -4.00 -20.13 -17.43
C ALA A 211 -2.87 -21.08 -17.80
N GLU A 212 -2.56 -22.04 -16.92
CA GLU A 212 -1.52 -23.01 -17.19
C GLU A 212 -1.76 -23.76 -18.51
N ILE A 213 -0.76 -23.77 -19.39
CA ILE A 213 -0.90 -24.43 -20.67
C ILE A 213 0.48 -24.66 -21.26
N THR A 214 0.61 -25.67 -22.13
CA THR A 214 1.86 -25.89 -22.84
C THR A 214 1.65 -25.97 -24.36
N LEU A 215 2.28 -25.05 -25.08
CA LEU A 215 2.29 -25.08 -26.54
C LEU A 215 3.69 -25.37 -27.07
N THR A 216 3.82 -26.43 -27.86
CA THR A 216 5.12 -26.79 -28.43
C THR A 216 5.03 -27.01 -29.94
N TRP A 217 6.09 -26.66 -30.66
CA TRP A 217 6.21 -27.00 -32.06
C TRP A 217 7.22 -28.14 -32.24
N GLN A 218 6.84 -29.13 -33.03
CA GLN A 218 7.74 -30.22 -33.40
C GLN A 218 7.96 -30.30 -34.90
N ARG A 219 9.15 -30.74 -35.27
CA ARG A 219 9.56 -30.97 -36.65
C ARG A 219 9.95 -32.42 -36.83
N ASP A 220 9.06 -33.20 -37.45
CA ASP A 220 9.18 -34.66 -37.49
C ASP A 220 9.33 -35.23 -36.08
N GLY A 221 8.53 -34.70 -35.16
CA GLY A 221 8.40 -35.25 -33.82
C GLY A 221 9.45 -34.75 -32.84
N GLU A 222 10.36 -33.91 -33.31
CA GLU A 222 11.39 -33.33 -32.44
C GLU A 222 11.08 -31.87 -32.11
N ASP A 223 11.00 -31.56 -30.82
CA ASP A 223 10.71 -30.20 -30.36
C ASP A 223 11.61 -29.14 -30.99
N GLN A 224 11.01 -28.04 -31.41
CA GLN A 224 11.75 -26.89 -31.90
C GLN A 224 11.90 -25.84 -30.82
N THR A 225 12.18 -26.30 -29.60
CA THR A 225 12.27 -25.46 -28.42
C THR A 225 13.30 -24.32 -28.52
N GLN A 226 14.14 -24.37 -29.55
CA GLN A 226 15.17 -23.36 -29.75
C GLN A 226 14.72 -22.32 -30.77
N ASP A 227 13.72 -22.67 -31.57
CA ASP A 227 13.31 -21.82 -32.67
C ASP A 227 11.83 -21.52 -32.58
N THR A 228 11.32 -21.49 -31.35
CA THR A 228 9.91 -21.21 -31.13
C THR A 228 9.79 -19.85 -30.43
N GLU A 229 8.98 -18.99 -31.00
CA GLU A 229 8.58 -17.74 -30.38
C GLU A 229 7.34 -17.98 -29.52
N LEU A 230 7.46 -17.73 -28.22
CA LEU A 230 6.38 -18.01 -27.31
C LEU A 230 5.96 -16.70 -26.65
N VAL A 231 4.74 -16.26 -26.95
CA VAL A 231 4.22 -15.04 -26.37
C VAL A 231 3.73 -15.31 -24.95
N GLU A 232 3.79 -14.31 -24.07
CA GLU A 232 3.31 -14.45 -22.71
C GLU A 232 1.82 -14.76 -22.70
N THR A 233 1.39 -15.68 -21.83
CA THR A 233 -0.03 -15.96 -21.69
C THR A 233 -0.73 -14.69 -21.23
N ARG A 234 -1.83 -14.37 -21.89
CA ARG A 234 -2.52 -13.10 -21.72
C ARG A 234 -4.02 -13.25 -21.46
N PRO A 235 -4.58 -12.32 -20.67
CA PRO A 235 -6.01 -12.41 -20.37
C PRO A 235 -6.84 -11.96 -21.57
N ALA A 236 -7.94 -12.67 -21.83
CA ALA A 236 -8.86 -12.33 -22.90
C ALA A 236 -9.83 -11.23 -22.47
N GLY A 237 -10.02 -11.12 -21.16
CA GLY A 237 -10.88 -10.08 -20.60
C GLY A 237 -12.22 -10.62 -20.11
N ASP A 238 -12.46 -11.89 -20.38
CA ASP A 238 -13.69 -12.55 -19.95
C ASP A 238 -13.43 -13.70 -18.98
N ARG A 239 -12.28 -13.63 -18.30
CA ARG A 239 -11.85 -14.64 -17.32
C ARG A 239 -11.39 -15.92 -18.01
N THR A 240 -10.98 -15.79 -19.26
CA THR A 240 -10.27 -16.85 -19.97
C THR A 240 -8.97 -16.27 -20.49
N PHE A 241 -8.12 -17.12 -21.04
CA PHE A 241 -6.78 -16.71 -21.42
C PHE A 241 -6.47 -17.07 -22.86
N GLN A 242 -5.36 -16.52 -23.34
CA GLN A 242 -4.90 -16.73 -24.72
C GLN A 242 -3.39 -16.94 -24.76
N LYS A 243 -2.94 -17.72 -25.73
CA LYS A 243 -1.51 -17.86 -25.97
C LYS A 243 -1.29 -18.31 -27.41
N TRP A 244 -0.14 -17.98 -27.98
CA TRP A 244 0.27 -18.60 -29.23
C TRP A 244 1.76 -18.93 -29.26
N ALA A 245 2.13 -19.84 -30.15
CA ALA A 245 3.51 -20.24 -30.36
C ALA A 245 3.80 -20.19 -31.85
N ALA A 246 4.88 -19.53 -32.27
CA ALA A 246 5.18 -19.38 -33.68
C ALA A 246 6.54 -19.97 -34.05
N VAL A 247 6.66 -20.45 -35.27
CA VAL A 247 7.93 -20.97 -35.75
C VAL A 247 8.13 -20.58 -37.21
N VAL A 248 9.35 -20.17 -37.56
CA VAL A 248 9.68 -19.85 -38.93
C VAL A 248 10.18 -21.11 -39.64
N VAL A 249 9.51 -21.46 -40.74
CA VAL A 249 9.74 -22.70 -41.49
C VAL A 249 10.07 -22.40 -42.95
N PRO A 250 10.91 -23.25 -43.56
CA PRO A 250 11.15 -22.99 -44.99
C PRO A 250 9.89 -23.25 -45.82
N SER A 251 9.67 -22.44 -46.85
CA SER A 251 8.49 -22.57 -47.71
C SER A 251 8.34 -23.96 -48.31
N GLY A 252 7.12 -24.47 -48.28
CA GLY A 252 6.78 -25.74 -48.88
C GLY A 252 7.08 -26.92 -47.97
N GLU A 253 7.60 -26.63 -46.77
CA GLU A 253 7.90 -27.67 -45.80
C GLU A 253 6.96 -27.62 -44.59
N GLU A 254 5.89 -26.82 -44.72
CA GLU A 254 4.93 -26.60 -43.65
C GLU A 254 4.33 -27.89 -43.08
N GLN A 255 4.20 -28.90 -43.94
CA GLN A 255 3.50 -30.14 -43.60
CA GLN A 255 3.49 -30.11 -43.58
C GLN A 255 4.31 -31.01 -42.66
N ARG A 256 5.59 -30.69 -42.53
CA ARG A 256 6.45 -31.44 -41.64
C ARG A 256 6.47 -30.91 -40.20
N TYR A 257 5.70 -29.85 -40.00
CA TYR A 257 5.56 -29.16 -38.71
C TYR A 257 4.26 -29.47 -37.95
N THR A 258 4.34 -29.84 -36.67
CA THR A 258 3.13 -30.11 -35.88
C THR A 258 3.10 -29.32 -34.56
N CYS A 259 1.93 -28.78 -34.21
CA CYS A 259 1.75 -28.06 -32.95
C CYS A 259 1.06 -28.93 -31.90
N HIS A 260 1.65 -28.99 -30.71
CA HIS A 260 1.16 -29.84 -29.64
C HIS A 260 0.68 -28.99 -28.47
N VAL A 261 -0.58 -29.21 -28.11
CA VAL A 261 -1.26 -28.45 -27.07
C VAL A 261 -1.61 -29.30 -25.86
N GLN A 262 -1.18 -28.83 -24.69
CA GLN A 262 -1.45 -29.51 -23.43
C GLN A 262 -2.17 -28.57 -22.47
N HIS A 263 -3.31 -29.02 -21.96
CA HIS A 263 -4.09 -28.22 -21.02
C HIS A 263 -5.03 -29.14 -20.24
N GLU A 264 -5.32 -28.81 -18.98
CA GLU A 264 -6.10 -29.72 -18.13
C GLU A 264 -7.51 -29.92 -18.65
N GLY A 265 -8.02 -28.98 -19.44
CA GLY A 265 -9.35 -29.14 -19.98
C GLY A 265 -9.33 -30.15 -21.12
N LEU A 266 -8.13 -30.49 -21.59
CA LEU A 266 -8.03 -31.48 -22.66
C LEU A 266 -7.85 -32.87 -22.02
N PRO A 267 -8.68 -33.85 -22.40
CA PRO A 267 -8.52 -35.25 -21.98
C PRO A 267 -7.14 -35.77 -22.37
N LYS A 268 -6.87 -35.70 -23.67
CA LYS A 268 -5.60 -36.05 -24.26
C LYS A 268 -5.05 -34.83 -24.99
N PRO A 269 -3.72 -34.65 -25.00
CA PRO A 269 -3.04 -33.59 -25.75
C PRO A 269 -3.45 -33.52 -27.23
N LEU A 270 -3.49 -32.31 -27.78
CA LEU A 270 -3.92 -32.10 -29.17
C LEU A 270 -2.72 -31.93 -30.10
N THR A 271 -2.86 -32.40 -31.33
CA THR A 271 -1.83 -32.20 -32.34
C THR A 271 -2.43 -31.62 -33.62
N LEU A 272 -2.07 -30.38 -33.93
CA LEU A 272 -2.62 -29.66 -35.07
C LEU A 272 -1.57 -29.40 -36.14
N ARG A 273 -2.03 -29.11 -37.35
CA ARG A 273 -1.19 -28.85 -38.50
C ARG A 273 -1.87 -27.83 -39.42
N TRP A 274 -1.09 -27.18 -40.28
CA TRP A 274 -1.62 -26.23 -41.23
C TRP A 274 -1.77 -26.91 -42.58
N GLU A 275 -2.61 -26.33 -43.43
CA GLU A 275 -3.09 -26.72 -44.78
C GLU A 275 -2.76 -26.06 -46.19
N MET B 1 16.48 2.92 -7.21
CA MET B 1 15.59 1.78 -7.04
C MET B 1 15.53 0.94 -8.32
N ILE B 2 14.95 -0.26 -8.22
CA ILE B 2 14.88 -1.16 -9.36
C ILE B 2 13.72 -0.70 -10.26
N GLN B 3 14.07 -0.21 -11.45
CA GLN B 3 13.06 0.06 -12.47
C GLN B 3 12.92 -0.99 -13.59
N ARG B 4 11.68 -1.35 -13.92
CA ARG B 4 11.41 -2.40 -14.91
C ARG B 4 10.48 -1.87 -16.00
N THR B 5 10.85 -2.04 -17.27
CA THR B 5 10.07 -1.44 -18.34
C THR B 5 8.91 -2.37 -18.69
N PRO B 6 7.77 -1.80 -19.13
CA PRO B 6 6.59 -2.63 -19.41
C PRO B 6 6.72 -3.46 -20.67
N LYS B 7 6.28 -4.72 -20.63
CA LYS B 7 5.97 -5.50 -21.81
C LYS B 7 4.56 -5.14 -22.28
N ILE B 8 4.32 -5.17 -23.58
CA ILE B 8 3.03 -4.76 -24.14
C ILE B 8 2.49 -5.75 -25.18
N GLN B 9 1.24 -6.17 -25.03
CA GLN B 9 0.57 -6.91 -26.10
C GLN B 9 -0.73 -6.23 -26.46
N VAL B 10 -1.04 -6.11 -27.75
CA VAL B 10 -2.30 -5.51 -28.16
C VAL B 10 -3.00 -6.55 -29.03
N TYR B 11 -4.26 -6.84 -28.74
CA TYR B 11 -4.92 -7.99 -29.37
C TYR B 11 -6.40 -7.92 -29.11
N SER B 12 -7.18 -8.67 -29.86
CA SER B 12 -8.62 -8.69 -29.64
C SER B 12 -9.04 -9.89 -28.79
N ARG B 13 -10.14 -9.75 -28.06
CA ARG B 13 -10.63 -10.85 -27.24
C ARG B 13 -10.98 -12.05 -28.10
N HIS B 14 -11.63 -11.78 -29.24
CA HIS B 14 -12.00 -12.82 -30.19
C HIS B 14 -11.30 -12.59 -31.52
N PRO B 15 -11.19 -13.65 -32.34
CA PRO B 15 -10.63 -13.49 -33.70
C PRO B 15 -11.35 -12.38 -34.44
N ALA B 16 -10.60 -11.47 -35.06
CA ALA B 16 -11.21 -10.32 -35.71
C ALA B 16 -11.99 -10.74 -36.94
N GLU B 17 -13.16 -10.14 -37.11
CA GLU B 17 -13.97 -10.28 -38.31
C GLU B 17 -14.65 -8.96 -38.56
N ASN B 18 -14.24 -8.29 -39.65
CA ASN B 18 -14.74 -6.97 -39.98
C ASN B 18 -16.25 -6.86 -39.79
N GLY B 19 -16.69 -5.81 -39.11
CA GLY B 19 -18.10 -5.56 -38.91
C GLY B 19 -18.75 -6.32 -37.76
N LYS B 20 -17.96 -7.03 -36.96
CA LYS B 20 -18.50 -7.79 -35.84
C LYS B 20 -17.95 -7.23 -34.54
N SER B 21 -18.84 -6.99 -33.58
CA SER B 21 -18.47 -6.43 -32.29
C SER B 21 -17.49 -7.33 -31.55
N ASN B 22 -16.54 -6.71 -30.87
CA ASN B 22 -15.41 -7.42 -30.29
C ASN B 22 -14.85 -6.59 -29.15
N PHE B 23 -13.75 -7.02 -28.55
CA PHE B 23 -13.08 -6.22 -27.55
C PHE B 23 -11.62 -5.99 -27.92
N LEU B 24 -11.14 -4.76 -27.75
CA LEU B 24 -9.74 -4.47 -28.00
C LEU B 24 -9.02 -4.39 -26.67
N ASN B 25 -7.92 -5.14 -26.59
CA ASN B 25 -7.13 -5.30 -25.37
C ASN B 25 -5.71 -4.81 -25.51
N CYS B 26 -5.23 -4.18 -24.46
CA CYS B 26 -3.82 -3.87 -24.31
C CYS B 26 -3.36 -4.36 -22.96
N TYR B 27 -2.53 -5.40 -22.96
CA TYR B 27 -2.02 -6.02 -21.76
C TYR B 27 -0.61 -5.49 -21.50
N VAL B 28 -0.42 -4.78 -20.39
CA VAL B 28 0.92 -4.34 -20.00
C VAL B 28 1.38 -5.12 -18.77
N SER B 29 2.65 -5.55 -18.76
CA SER B 29 3.11 -6.39 -17.65
C SER B 29 4.60 -6.29 -17.39
N GLY B 30 5.06 -6.89 -16.31
CA GLY B 30 6.49 -6.90 -16.00
C GLY B 30 7.10 -5.54 -15.70
N PHE B 31 6.27 -4.57 -15.32
CA PHE B 31 6.77 -3.22 -15.04
C PHE B 31 6.83 -2.88 -13.55
N HIS B 32 7.71 -1.93 -13.23
CA HIS B 32 7.90 -1.43 -11.88
C HIS B 32 8.65 -0.10 -12.00
N PRO B 33 8.16 0.96 -11.32
CA PRO B 33 7.00 1.00 -10.43
C PRO B 33 5.65 0.97 -11.11
N SER B 34 4.60 1.23 -10.34
CA SER B 34 3.26 0.92 -10.78
C SER B 34 2.63 1.98 -11.67
N ASP B 35 3.07 3.23 -11.55
CA ASP B 35 2.48 4.30 -12.35
C ASP B 35 2.73 4.05 -13.83
N ILE B 36 1.69 4.20 -14.64
CA ILE B 36 1.81 3.95 -16.06
C ILE B 36 0.64 4.60 -16.77
N GLU B 37 0.84 5.01 -18.00
CA GLU B 37 -0.23 5.63 -18.77
C GLU B 37 -0.45 4.78 -20.01
N VAL B 38 -1.70 4.40 -20.23
CA VAL B 38 -2.05 3.54 -21.35
C VAL B 38 -3.28 4.15 -22.00
N ASP B 39 -3.21 4.32 -23.33
CA ASP B 39 -4.38 4.74 -24.08
C ASP B 39 -4.57 3.79 -25.23
N LEU B 40 -5.82 3.51 -25.56
CA LEU B 40 -6.11 2.80 -26.80
C LEU B 40 -6.39 3.83 -27.90
N LEU B 41 -5.92 3.57 -29.11
CA LEU B 41 -6.09 4.56 -30.17
C LEU B 41 -6.86 3.96 -31.33
N LYS B 42 -7.71 4.79 -31.92
CA LYS B 42 -8.40 4.51 -33.17
C LYS B 42 -8.04 5.55 -34.21
N ASN B 43 -7.23 5.16 -35.19
CA ASN B 43 -6.74 6.07 -36.21
C ASN B 43 -6.01 7.26 -35.55
N GLY B 44 -5.13 6.96 -34.60
CA GLY B 44 -4.33 7.99 -33.97
C GLY B 44 -5.01 8.73 -32.83
N GLU B 45 -6.32 8.57 -32.69
CA GLU B 45 -7.09 9.32 -31.69
C GLU B 45 -7.49 8.50 -30.46
N ARG B 46 -7.26 9.07 -29.29
CA ARG B 46 -7.49 8.38 -28.02
C ARG B 46 -8.95 7.93 -27.92
N ILE B 47 -9.18 6.65 -27.63
CA ILE B 47 -10.55 6.22 -27.38
C ILE B 47 -10.90 6.59 -25.94
N GLU B 48 -12.11 7.10 -25.71
CA GLU B 48 -12.41 7.66 -24.38
C GLU B 48 -12.87 6.64 -23.37
N LYS B 49 -13.86 5.82 -23.74
CA LYS B 49 -14.45 4.89 -22.78
C LYS B 49 -13.63 3.60 -22.69
N VAL B 50 -12.47 3.73 -22.05
CA VAL B 50 -11.55 2.62 -21.87
C VAL B 50 -11.51 2.29 -20.39
N GLU B 51 -11.53 1.00 -20.08
CA GLU B 51 -11.50 0.53 -18.71
C GLU B 51 -10.24 -0.29 -18.50
N HIS B 52 -9.86 -0.48 -17.25
CA HIS B 52 -8.75 -1.36 -16.95
C HIS B 52 -9.00 -2.21 -15.71
N SER B 53 -8.22 -3.27 -15.61
CA SER B 53 -8.30 -4.20 -14.50
C SER B 53 -7.67 -3.57 -13.26
N ASP B 54 -7.92 -4.16 -12.11
CA ASP B 54 -7.33 -3.70 -10.86
C ASP B 54 -5.86 -4.07 -10.80
N LEU B 55 -5.03 -3.14 -10.33
CA LEU B 55 -3.60 -3.36 -10.24
C LEU B 55 -3.25 -4.62 -9.45
N SER B 56 -2.43 -5.48 -10.04
CA SER B 56 -1.95 -6.65 -9.34
C SER B 56 -0.51 -6.88 -9.79
N PHE B 57 0.12 -7.93 -9.26
CA PHE B 57 1.51 -8.22 -9.61
C PHE B 57 1.85 -9.70 -9.59
N SER B 58 2.99 -10.04 -10.20
CA SER B 58 3.43 -11.42 -10.33
C SER B 58 4.39 -11.77 -9.20
N LYS B 59 4.81 -13.03 -9.17
CA LYS B 59 5.72 -13.55 -8.14
C LYS B 59 7.02 -12.77 -8.06
N ASP B 60 7.45 -12.18 -9.17
CA ASP B 60 8.67 -11.40 -9.15
C ASP B 60 8.42 -9.94 -8.79
N TRP B 61 7.20 -9.66 -8.33
CA TRP B 61 6.77 -8.34 -7.84
C TRP B 61 6.45 -7.35 -8.97
N SER B 62 6.58 -7.75 -10.24
CA SER B 62 6.29 -6.78 -11.28
C SER B 62 4.80 -6.69 -11.54
N PHE B 63 4.33 -5.50 -11.95
CA PHE B 63 2.90 -5.28 -12.11
C PHE B 63 2.37 -5.68 -13.48
N TYR B 64 1.06 -5.89 -13.55
CA TYR B 64 0.38 -6.08 -14.81
C TYR B 64 -1.01 -5.45 -14.74
N LEU B 65 -1.48 -4.98 -15.88
CA LEU B 65 -2.80 -4.40 -16.06
C LEU B 65 -3.35 -4.74 -17.44
N LEU B 66 -4.66 -4.91 -17.53
CA LEU B 66 -5.32 -5.05 -18.82
C LEU B 66 -6.17 -3.82 -19.07
N TYR B 67 -5.97 -3.18 -20.21
CA TYR B 67 -6.85 -2.09 -20.65
C TYR B 67 -7.73 -2.60 -21.79
N TYR B 68 -9.00 -2.24 -21.81
CA TYR B 68 -9.88 -2.82 -22.82
C TYR B 68 -11.05 -1.92 -23.18
N THR B 69 -11.48 -1.98 -24.45
CA THR B 69 -12.68 -1.27 -24.83
C THR B 69 -13.49 -2.09 -25.84
N GLU B 70 -14.80 -1.93 -25.82
CA GLU B 70 -15.63 -2.56 -26.85
C GLU B 70 -15.35 -1.87 -28.17
N PHE B 71 -15.29 -2.63 -29.26
CA PHE B 71 -15.07 -2.03 -30.57
C PHE B 71 -15.50 -2.93 -31.73
N THR B 72 -15.83 -2.30 -32.86
CA THR B 72 -16.15 -3.05 -34.07
C THR B 72 -15.12 -2.75 -35.14
N PRO B 73 -14.28 -3.74 -35.48
CA PRO B 73 -13.17 -3.58 -36.41
C PRO B 73 -13.64 -3.45 -37.86
N THR B 74 -12.86 -2.74 -38.66
CA THR B 74 -13.09 -2.63 -40.11
C THR B 74 -11.75 -2.73 -40.84
N GLU B 75 -11.80 -2.87 -42.16
CA GLU B 75 -10.60 -2.97 -43.00
C GLU B 75 -9.71 -1.72 -42.90
N LYS B 76 -10.34 -0.55 -42.88
CA LYS B 76 -9.63 0.72 -42.96
C LYS B 76 -9.19 1.26 -41.58
N ASP B 77 -10.07 1.22 -40.59
CA ASP B 77 -9.73 1.66 -39.23
C ASP B 77 -8.53 0.92 -38.63
N GLU B 78 -7.54 1.69 -38.19
CA GLU B 78 -6.31 1.14 -37.60
C GLU B 78 -6.25 1.43 -36.10
N TYR B 79 -6.07 0.37 -35.30
CA TYR B 79 -6.05 0.48 -33.86
C TYR B 79 -4.65 0.31 -33.26
N ALA B 80 -4.39 0.93 -32.11
CA ALA B 80 -3.08 0.74 -31.49
C ALA B 80 -3.13 0.95 -29.98
N CYS B 81 -2.00 0.72 -29.31
CA CYS B 81 -1.92 0.96 -27.87
C CYS B 81 -0.72 1.85 -27.58
N ARG B 82 -0.93 2.89 -26.78
CA ARG B 82 0.12 3.83 -26.45
C ARG B 82 0.45 3.81 -24.96
N VAL B 83 1.71 3.52 -24.64
CA VAL B 83 2.11 3.33 -23.25
C VAL B 83 3.28 4.23 -22.84
N ASN B 84 3.11 4.98 -21.75
CA ASN B 84 4.24 5.68 -21.17
C ASN B 84 4.50 5.19 -19.75
N HIS B 85 5.77 5.19 -19.36
CA HIS B 85 6.21 4.73 -18.06
C HIS B 85 7.52 5.44 -17.75
N VAL B 86 7.91 5.51 -16.47
CA VAL B 86 9.14 6.20 -16.10
C VAL B 86 10.35 5.68 -16.87
N THR B 87 10.30 4.40 -17.25
CA THR B 87 11.43 3.73 -17.89
C THR B 87 11.52 4.13 -19.36
N LEU B 88 10.50 4.80 -19.87
CA LEU B 88 10.46 5.14 -21.30
C LEU B 88 10.66 6.64 -21.51
N SER B 89 11.59 6.98 -22.41
CA SER B 89 11.83 8.38 -22.74
C SER B 89 10.65 8.95 -23.50
N GLN B 90 10.17 8.20 -24.48
CA GLN B 90 8.98 8.59 -25.21
C GLN B 90 7.94 7.47 -25.14
N PRO B 91 6.65 7.80 -25.25
CA PRO B 91 5.62 6.76 -25.24
C PRO B 91 5.84 5.71 -26.33
N LYS B 92 5.62 4.43 -26.04
CA LYS B 92 5.71 3.38 -27.06
C LYS B 92 4.34 3.14 -27.67
N ILE B 93 4.32 2.96 -28.99
CA ILE B 93 3.06 2.70 -29.66
C ILE B 93 3.13 1.34 -30.34
N VAL B 94 2.21 0.45 -30.00
CA VAL B 94 2.21 -0.87 -30.60
C VAL B 94 0.91 -1.00 -31.39
N LYS B 95 1.01 -1.25 -32.70
CA LYS B 95 -0.20 -1.36 -33.52
C LYS B 95 -0.89 -2.70 -33.25
N TRP B 96 -2.22 -2.71 -33.32
CA TRP B 96 -2.98 -3.95 -33.30
C TRP B 96 -2.83 -4.68 -34.63
N ASP B 97 -2.24 -5.88 -34.57
CA ASP B 97 -2.15 -6.77 -35.72
C ASP B 97 -3.06 -7.97 -35.47
N ARG B 98 -4.12 -8.09 -36.27
CA ARG B 98 -5.08 -9.20 -36.14
C ARG B 98 -4.46 -10.60 -36.10
N ASP B 99 -3.18 -10.71 -36.43
CA ASP B 99 -2.50 -11.99 -36.54
C ASP B 99 -1.52 -12.17 -35.39
N MET B 100 -1.60 -11.28 -34.41
CA MET B 100 -0.66 -11.28 -33.29
C MET B 100 -1.40 -11.30 -31.95
N LEU C 1 -11.13 -14.84 2.26
CA LEU C 1 -11.19 -13.84 3.31
C LEU C 1 -9.80 -13.35 3.64
N SER C 2 -9.64 -12.03 3.70
CA SER C 2 -8.34 -11.42 3.93
C SER C 2 -7.84 -11.69 5.34
N SER C 3 -6.54 -11.56 5.52
CA SER C 3 -5.92 -11.78 6.82
C SER C 3 -6.20 -10.64 7.80
N PRO C 4 -6.67 -10.98 9.00
CA PRO C 4 -6.91 -10.00 10.08
C PRO C 4 -5.61 -9.60 10.78
N VAL C 5 -4.50 -10.13 10.29
CA VAL C 5 -3.20 -9.90 10.91
C VAL C 5 -2.39 -8.85 10.16
N THR C 6 -2.45 -7.60 10.62
CA THR C 6 -1.60 -6.57 10.06
C THR C 6 -0.80 -5.92 11.16
N LYS C 7 0.51 -6.12 11.12
CA LYS C 7 1.40 -5.49 12.08
C LYS C 7 2.28 -4.49 11.36
N SER C 8 2.82 -3.54 12.11
CA SER C 8 3.73 -2.53 11.57
C SER C 8 5.13 -3.10 11.33
N PHE C 9 5.85 -2.50 10.41
CA PHE C 9 7.25 -2.84 10.15
C PHE C 9 8.15 -2.47 11.33
N LYS D 7 -10.11 16.66 -11.81
CA LYS D 7 -9.73 17.73 -10.89
C LYS D 7 -8.33 17.52 -10.33
N PRO D 8 -7.59 18.62 -10.12
CA PRO D 8 -6.20 18.55 -9.67
C PRO D 8 -6.07 18.05 -8.23
N PHE D 9 -4.85 17.67 -7.86
CA PHE D 9 -4.55 17.36 -6.46
C PHE D 9 -3.76 18.50 -5.84
N LEU D 10 -4.37 19.17 -4.88
CA LEU D 10 -3.72 20.27 -4.18
C LEU D 10 -3.11 19.77 -2.87
N SER D 11 -1.84 20.11 -2.62
CA SER D 11 -1.21 19.66 -1.38
C SER D 11 -0.30 20.71 -0.75
N ALA D 12 -0.11 20.63 0.57
CA ALA D 12 0.79 21.53 1.28
C ALA D 12 2.01 20.79 1.81
N TRP D 13 3.18 21.40 1.65
CA TRP D 13 4.45 20.76 2.00
C TRP D 13 5.34 21.69 2.82
N PRO D 14 5.87 21.21 3.96
CA PRO D 14 5.69 19.85 4.49
C PRO D 14 4.41 19.65 5.28
N SER D 15 3.71 20.72 5.60
CA SER D 15 2.56 20.62 6.48
C SER D 15 1.60 21.80 6.35
N ALA D 16 0.30 21.50 6.37
CA ALA D 16 -0.73 22.53 6.30
C ALA D 16 -0.84 23.31 7.61
N VAL D 17 -0.51 22.65 8.72
CA VAL D 17 -0.37 23.30 10.02
C VAL D 17 1.06 23.84 10.11
N VAL D 18 1.21 25.15 10.12
CA VAL D 18 2.52 25.76 10.00
C VAL D 18 2.60 27.00 10.90
N PRO D 19 3.74 27.19 11.59
CA PRO D 19 3.85 28.39 12.44
C PRO D 19 4.15 29.64 11.64
N ARG D 20 3.80 30.80 12.20
CA ARG D 20 4.24 32.08 11.66
C ARG D 20 5.75 32.10 11.57
N GLY D 21 6.27 32.66 10.48
CA GLY D 21 7.71 32.70 10.28
C GLY D 21 8.25 31.45 9.64
N GLY D 22 7.45 30.39 9.64
CA GLY D 22 7.85 29.14 9.00
C GLY D 22 7.68 29.19 7.50
N HIS D 23 7.50 28.03 6.88
CA HIS D 23 7.34 27.99 5.43
C HIS D 23 6.39 26.87 5.01
N VAL D 24 5.67 27.09 3.92
CA VAL D 24 4.80 26.06 3.39
C VAL D 24 4.62 26.28 1.90
N THR D 25 4.54 25.19 1.15
CA THR D 25 4.42 25.27 -0.29
C THR D 25 3.14 24.60 -0.74
N LEU D 26 2.37 25.30 -1.55
CA LEU D 26 1.17 24.74 -2.16
C LEU D 26 1.49 24.24 -3.56
N ARG D 27 1.12 22.99 -3.82
CA ARG D 27 1.38 22.38 -5.11
C ARG D 27 0.08 21.93 -5.74
N CYS D 28 -0.03 22.16 -7.04
CA CYS D 28 -1.23 21.83 -7.78
C CYS D 28 -0.86 20.84 -8.87
N HIS D 29 -1.16 19.56 -8.65
CA HIS D 29 -0.81 18.53 -9.61
C HIS D 29 -1.99 18.25 -10.52
N TYR D 30 -1.79 18.48 -11.82
CA TYR D 30 -2.88 18.36 -12.78
C TYR D 30 -2.34 17.95 -14.13
N ARG D 31 -2.87 16.85 -14.67
CA ARG D 31 -2.42 16.27 -15.92
C ARG D 31 -0.92 16.06 -15.93
N HIS D 32 -0.44 15.30 -14.95
CA HIS D 32 0.97 14.95 -14.82
C HIS D 32 1.89 16.17 -14.85
N ARG D 33 1.49 17.23 -14.16
CA ARG D 33 2.18 18.51 -14.26
C ARG D 33 1.95 19.37 -13.01
N PHE D 34 2.95 20.16 -12.64
CA PHE D 34 2.83 21.08 -11.52
C PHE D 34 2.72 22.53 -11.98
N ASN D 35 2.58 22.74 -13.29
CA ASN D 35 2.57 24.09 -13.85
C ASN D 35 1.20 24.73 -13.90
N ASN D 36 1.19 26.04 -14.11
CA ASN D 36 0.00 26.77 -14.56
C ASN D 36 -1.27 26.50 -13.78
N PHE D 37 -1.42 27.14 -12.62
CA PHE D 37 -2.67 27.06 -11.88
C PHE D 37 -3.01 28.37 -11.20
N MET D 38 -4.29 28.57 -10.90
CA MET D 38 -4.70 29.71 -10.08
C MET D 38 -5.25 29.20 -8.75
N LEU D 39 -5.22 30.06 -7.74
CA LEU D 39 -5.69 29.71 -6.41
C LEU D 39 -6.95 30.48 -6.01
N TYR D 40 -7.79 29.83 -5.23
CA TYR D 40 -9.03 30.41 -4.73
C TYR D 40 -9.17 30.17 -3.22
N LYS D 41 -9.74 31.14 -2.52
CA LYS D 41 -10.12 30.96 -1.12
C LYS D 41 -11.61 30.61 -1.06
N GLU D 42 -12.03 29.96 0.02
CA GLU D 42 -13.40 29.42 0.11
C GLU D 42 -14.49 30.49 -0.02
N ASP D 43 -14.25 31.67 0.55
CA ASP D 43 -15.23 32.76 0.45
C ASP D 43 -15.47 33.18 -0.99
N ARG D 44 -14.42 33.68 -1.64
CA ARG D 44 -14.51 34.12 -3.03
C ARG D 44 -14.15 32.98 -3.97
N ILE D 45 -15.06 32.02 -4.11
CA ILE D 45 -14.77 30.78 -4.83
C ILE D 45 -14.73 30.91 -6.35
N HIS D 46 -14.76 32.15 -6.85
CA HIS D 46 -14.58 32.36 -8.28
C HIS D 46 -13.74 33.60 -8.54
N ILE D 47 -13.24 34.20 -7.46
CA ILE D 47 -12.28 35.29 -7.56
C ILE D 47 -10.88 34.75 -7.26
N PRO D 48 -10.08 34.53 -8.30
CA PRO D 48 -8.71 34.06 -8.10
C PRO D 48 -7.89 35.06 -7.30
N ILE D 49 -7.17 34.57 -6.29
CA ILE D 49 -6.43 35.45 -5.39
C ILE D 49 -5.23 36.07 -6.10
N PHE D 50 -4.63 37.09 -5.47
CA PHE D 50 -3.53 37.85 -6.04
C PHE D 50 -3.86 38.32 -7.46
N HIS D 51 -5.05 38.90 -7.62
CA HIS D 51 -5.50 39.48 -8.88
C HIS D 51 -5.42 38.49 -10.05
N GLY D 52 -5.70 37.23 -9.78
CA GLY D 52 -5.72 36.22 -10.83
C GLY D 52 -4.33 35.78 -11.27
N ARG D 53 -3.38 35.84 -10.35
CA ARG D 53 -2.01 35.40 -10.62
C ARG D 53 -1.97 33.93 -11.05
N ILE D 54 -1.22 33.66 -12.12
CA ILE D 54 -1.03 32.29 -12.59
C ILE D 54 0.30 31.75 -12.09
N PHE D 55 0.25 30.83 -11.14
CA PHE D 55 1.46 30.25 -10.58
C PHE D 55 2.12 29.30 -11.57
N GLN D 56 3.33 29.63 -11.99
CA GLN D 56 4.05 28.85 -12.99
C GLN D 56 4.69 27.63 -12.36
N GLU D 57 4.95 27.75 -11.06
CA GLU D 57 5.52 26.66 -10.28
C GLU D 57 4.73 26.55 -8.97
N SER D 58 5.20 25.69 -8.07
CA SER D 58 4.58 25.56 -6.77
C SER D 58 4.69 26.88 -6.00
N PHE D 59 3.63 27.25 -5.28
CA PHE D 59 3.59 28.52 -4.57
C PHE D 59 4.23 28.42 -3.18
N ASN D 60 5.36 29.11 -3.02
CA ASN D 60 6.08 29.07 -1.75
C ASN D 60 5.73 30.24 -0.85
N MET D 61 5.01 29.96 0.23
CA MET D 61 4.73 30.93 1.28
C MET D 61 5.85 30.88 2.31
N SER D 62 6.66 31.93 2.33
CA SER D 62 7.82 32.00 3.20
C SER D 62 8.39 33.41 3.27
N PRO D 63 8.53 33.97 4.47
CA PRO D 63 8.06 33.40 5.75
C PRO D 63 6.54 33.46 5.87
N VAL D 64 5.94 32.49 6.55
CA VAL D 64 4.49 32.42 6.65
C VAL D 64 3.94 33.53 7.55
N THR D 65 2.88 34.19 7.09
CA THR D 65 2.20 35.21 7.86
C THR D 65 0.76 34.78 8.11
N THR D 66 0.03 35.52 8.95
CA THR D 66 -1.37 35.18 9.21
C THR D 66 -2.24 35.36 7.97
N ALA D 67 -1.76 36.11 6.99
CA ALA D 67 -2.52 36.32 5.76
C ALA D 67 -2.60 35.04 4.92
N HIS D 68 -1.61 34.16 5.08
CA HIS D 68 -1.58 32.90 4.33
C HIS D 68 -2.62 31.89 4.83
N ALA D 69 -3.11 32.10 6.04
CA ALA D 69 -4.09 31.17 6.62
C ALA D 69 -5.37 31.20 5.80
N GLY D 70 -6.01 30.05 5.63
CA GLY D 70 -7.23 30.02 4.84
C GLY D 70 -7.51 28.70 4.13
N ASN D 71 -8.65 28.67 3.43
CA ASN D 71 -9.14 27.45 2.79
C ASN D 71 -8.96 27.53 1.28
N TYR D 72 -7.99 26.80 0.76
CA TYR D 72 -7.57 26.95 -0.64
C TYR D 72 -8.08 25.85 -1.56
N THR D 73 -8.38 26.23 -2.80
CA THR D 73 -8.52 25.27 -3.90
C THR D 73 -7.73 25.80 -5.09
N CYS D 74 -7.36 24.91 -6.00
CA CYS D 74 -6.61 25.34 -7.18
C CYS D 74 -7.30 24.89 -8.46
N ARG D 75 -7.07 25.63 -9.53
CA ARG D 75 -7.54 25.23 -10.85
C ARG D 75 -6.35 25.21 -11.80
N GLY D 76 -6.18 24.07 -12.48
CA GLY D 76 -5.06 23.92 -13.40
C GLY D 76 -5.42 24.41 -14.79
N SER D 77 -4.41 24.79 -15.56
CA SER D 77 -4.64 25.28 -16.93
C SER D 77 -5.23 24.20 -17.81
N HIS D 78 -6.33 24.54 -18.49
CA HIS D 78 -6.97 23.62 -19.41
C HIS D 78 -7.35 24.37 -20.68
N PRO D 79 -6.41 24.47 -21.63
CA PRO D 79 -6.53 25.24 -22.87
C PRO D 79 -7.89 25.10 -23.55
N HIS D 80 -8.15 23.95 -24.16
CA HIS D 80 -9.37 23.77 -24.94
C HIS D 80 -10.53 23.30 -24.07
N SER D 81 -11.30 24.27 -23.58
CA SER D 81 -12.42 24.01 -22.67
C SER D 81 -13.24 25.29 -22.53
N PRO D 82 -14.52 25.18 -22.11
CA PRO D 82 -15.41 26.34 -21.94
C PRO D 82 -14.76 27.46 -21.13
N THR D 83 -14.02 27.09 -20.09
CA THR D 83 -13.12 28.01 -19.41
C THR D 83 -11.72 27.49 -19.63
N GLY D 84 -10.72 28.37 -19.60
CA GLY D 84 -9.36 27.94 -19.83
C GLY D 84 -8.74 27.19 -18.65
N TRP D 85 -9.58 26.70 -17.75
CA TRP D 85 -9.10 26.11 -16.50
C TRP D 85 -9.95 24.92 -16.04
N SER D 86 -9.37 24.10 -15.16
CA SER D 86 -10.01 22.86 -14.71
C SER D 86 -11.12 23.08 -13.69
N ALA D 87 -11.74 21.98 -13.29
CA ALA D 87 -12.64 21.97 -12.15
C ALA D 87 -11.83 22.24 -10.87
N PRO D 88 -12.49 22.69 -9.80
CA PRO D 88 -11.77 22.97 -8.53
C PRO D 88 -11.15 21.73 -7.92
N SER D 89 -9.93 21.85 -7.43
CA SER D 89 -9.25 20.74 -6.77
C SER D 89 -9.86 20.40 -5.42
N ASN D 90 -9.25 19.45 -4.73
CA ASN D 90 -9.59 19.18 -3.34
C ASN D 90 -9.17 20.37 -2.48
N PRO D 91 -9.93 20.66 -1.41
CA PRO D 91 -9.62 21.80 -0.54
C PRO D 91 -8.49 21.53 0.47
N VAL D 92 -7.58 22.49 0.61
CA VAL D 92 -6.50 22.40 1.58
C VAL D 92 -6.55 23.59 2.56
N VAL D 93 -6.71 23.30 3.84
CA VAL D 93 -6.78 24.36 4.84
C VAL D 93 -5.41 24.64 5.45
N ILE D 94 -4.86 25.81 5.14
CA ILE D 94 -3.61 26.24 5.76
C ILE D 94 -3.92 26.90 7.10
N MET D 95 -3.46 26.27 8.17
CA MET D 95 -3.65 26.80 9.52
C MET D 95 -2.34 27.37 10.03
N VAL D 96 -2.36 28.64 10.41
CA VAL D 96 -1.16 29.30 10.88
C VAL D 96 -1.18 29.42 12.40
N THR D 97 -0.13 28.91 13.04
CA THR D 97 -0.08 28.85 14.50
C THR D 97 0.75 29.99 15.08
N GLY D 98 0.73 30.09 16.41
CA GLY D 98 1.49 31.11 17.13
C GLY D 98 0.80 32.45 17.26
N ASN D 99 -0.53 32.46 17.42
CA ASN D 99 -1.30 33.71 17.42
C ASN D 99 -2.03 34.00 18.72
N HIS D 100 -1.98 33.06 19.67
CA HIS D 100 -2.62 33.22 20.96
C HIS D 100 -1.75 32.51 21.98
N ARG D 101 -2.00 32.76 23.27
CA ARG D 101 -1.32 32.01 24.33
C ARG D 101 -1.64 30.52 24.18
N LYS D 102 -0.67 29.65 24.47
CA LYS D 102 -0.85 28.21 24.26
C LYS D 102 -1.83 27.61 25.27
N PRO D 103 -2.60 26.61 24.83
CA PRO D 103 -3.42 25.88 25.79
C PRO D 103 -2.59 24.81 26.50
N SER D 104 -3.22 24.04 27.37
CA SER D 104 -2.56 22.92 28.04
C SER D 104 -3.12 21.62 27.52
N LEU D 105 -2.27 20.59 27.48
CA LEU D 105 -2.67 19.29 26.99
C LEU D 105 -2.24 18.20 27.96
N LEU D 106 -3.18 17.33 28.33
CA LEU D 106 -2.82 16.23 29.20
C LEU D 106 -3.52 14.94 28.78
N ALA D 107 -2.96 13.81 29.20
CA ALA D 107 -3.50 12.52 28.82
C ALA D 107 -4.14 11.83 30.02
N HIS D 108 -5.30 11.21 29.78
CA HIS D 108 -6.02 10.47 30.81
C HIS D 108 -6.28 9.06 30.31
N PRO D 109 -5.87 8.06 31.10
CA PRO D 109 -5.24 8.24 32.42
C PRO D 109 -3.75 8.57 32.38
N GLY D 110 -3.12 8.39 31.22
CA GLY D 110 -1.68 8.65 31.08
C GLY D 110 -1.21 8.55 29.64
N PRO D 111 0.04 8.99 29.38
CA PRO D 111 0.61 9.00 28.03
C PRO D 111 1.05 7.63 27.51
N LEU D 112 1.20 6.65 28.40
CA LEU D 112 1.57 5.31 27.99
C LEU D 112 0.32 4.47 27.79
N VAL D 113 0.01 4.18 26.53
CA VAL D 113 -1.27 3.59 26.19
C VAL D 113 -1.11 2.16 25.67
N LYS D 114 -1.70 1.21 26.39
CA LYS D 114 -1.67 -0.19 25.98
C LYS D 114 -2.29 -0.37 24.59
N SER D 115 -1.59 -1.12 23.73
CA SER D 115 -2.07 -1.42 22.39
C SER D 115 -3.53 -1.91 22.39
N GLY D 116 -4.35 -1.29 21.54
CA GLY D 116 -5.75 -1.65 21.46
C GLY D 116 -6.68 -0.89 22.38
N GLU D 117 -6.11 -0.12 23.31
CA GLU D 117 -6.93 0.60 24.28
C GLU D 117 -7.11 2.06 23.89
N ARG D 118 -7.97 2.76 24.60
CA ARG D 118 -8.27 4.16 24.27
C ARG D 118 -7.65 5.10 25.29
N VAL D 119 -7.35 6.31 24.85
CA VAL D 119 -6.81 7.33 25.73
C VAL D 119 -7.51 8.65 25.43
N ILE D 120 -7.66 9.49 26.46
CA ILE D 120 -8.27 10.79 26.25
C ILE D 120 -7.23 11.90 26.35
N LEU D 121 -7.07 12.66 25.28
CA LEU D 121 -6.19 13.83 25.31
C LEU D 121 -7.05 15.06 25.52
N GLN D 122 -6.96 15.63 26.72
CA GLN D 122 -7.74 16.80 27.08
C GLN D 122 -6.93 18.07 26.84
N CYS D 123 -7.51 18.97 26.05
CA CYS D 123 -6.93 20.27 25.80
C CYS D 123 -7.77 21.31 26.56
N TRP D 124 -7.13 22.25 27.24
CA TRP D 124 -7.88 23.27 27.98
C TRP D 124 -7.13 24.59 28.12
N SER D 125 -7.88 25.66 28.36
CA SER D 125 -7.29 26.99 28.51
C SER D 125 -8.20 27.93 29.29
N ASP D 126 -7.63 28.97 29.89
CA ASP D 126 -8.42 30.00 30.53
C ASP D 126 -8.98 30.96 29.48
N ILE D 127 -8.35 30.97 28.31
CA ILE D 127 -8.83 31.73 27.17
C ILE D 127 -10.07 31.05 26.60
N MET D 128 -11.03 31.84 26.15
CA MET D 128 -12.25 31.30 25.58
C MET D 128 -12.07 30.96 24.10
N PHE D 129 -11.43 29.82 23.84
CA PHE D 129 -11.27 29.34 22.48
C PHE D 129 -12.58 28.75 21.97
N GLU D 130 -12.97 29.13 20.76
CA GLU D 130 -14.16 28.57 20.16
C GLU D 130 -13.89 27.16 19.68
N HIS D 131 -12.69 26.92 19.17
CA HIS D 131 -12.36 25.55 18.76
C HIS D 131 -11.01 25.08 19.26
N PHE D 132 -10.88 23.78 19.46
CA PHE D 132 -9.60 23.16 19.76
C PHE D 132 -9.18 22.22 18.63
N PHE D 133 -7.89 22.19 18.35
CA PHE D 133 -7.32 21.32 17.34
C PHE D 133 -6.25 20.43 17.95
N LEU D 134 -6.33 19.14 17.69
CA LEU D 134 -5.29 18.22 18.14
C LEU D 134 -4.49 17.77 16.92
N HIS D 135 -3.17 17.90 17.01
CA HIS D 135 -2.33 17.61 15.87
C HIS D 135 -1.12 16.77 16.27
N LYS D 136 -1.00 15.61 15.64
CA LYS D 136 0.17 14.76 15.82
C LYS D 136 1.28 15.26 14.90
N GLU D 137 2.46 15.46 15.46
CA GLU D 137 3.57 16.00 14.69
C GLU D 137 4.09 15.00 13.66
N GLY D 138 4.39 15.50 12.47
CA GLY D 138 4.78 14.66 11.35
C GLY D 138 4.37 15.31 10.05
N ILE D 139 4.89 14.78 8.94
CA ILE D 139 4.65 15.39 7.64
C ILE D 139 3.35 14.91 7.01
N SER D 140 2.54 15.86 6.53
CA SER D 140 1.22 15.60 5.94
C SER D 140 0.27 14.91 6.92
N LYS D 141 0.08 15.52 8.09
CA LYS D 141 -0.89 15.04 9.07
C LYS D 141 -2.06 16.00 9.19
N ASP D 142 -3.27 15.46 9.27
CA ASP D 142 -4.48 16.28 9.34
C ASP D 142 -4.96 16.42 10.79
N PRO D 143 -5.09 17.66 11.28
CA PRO D 143 -5.51 17.87 12.67
C PRO D 143 -6.99 17.56 12.90
N SER D 144 -7.34 17.17 14.12
CA SER D 144 -8.72 16.93 14.50
C SER D 144 -9.29 18.16 15.18
N ARG D 145 -10.55 18.47 14.90
CA ARG D 145 -11.15 19.66 15.49
C ARG D 145 -12.32 19.29 16.39
N LEU D 146 -12.44 20.01 17.51
CA LEU D 146 -13.58 19.87 18.41
C LEU D 146 -14.04 21.25 18.87
N VAL D 147 -15.32 21.39 19.18
CA VAL D 147 -15.82 22.64 19.70
C VAL D 147 -15.44 22.77 21.19
N GLY D 148 -15.06 23.96 21.60
CA GLY D 148 -14.67 24.20 22.97
C GLY D 148 -15.86 24.27 23.90
N GLN D 149 -15.91 23.36 24.86
CA GLN D 149 -16.93 23.41 25.91
C GLN D 149 -16.49 24.41 26.99
N ILE D 150 -17.44 24.91 27.77
CA ILE D 150 -17.11 25.90 28.80
C ILE D 150 -17.53 25.44 30.18
N HIS D 151 -16.60 25.50 31.13
CA HIS D 151 -16.85 25.08 32.50
C HIS D 151 -16.09 25.96 33.48
N ASP D 152 -16.84 26.69 34.31
CA ASP D 152 -16.28 27.55 35.35
C ASP D 152 -15.12 28.41 34.87
N GLY D 153 -15.30 29.03 33.70
CA GLY D 153 -14.32 29.97 33.20
C GLY D 153 -13.17 29.37 32.41
N VAL D 154 -13.15 28.04 32.26
CA VAL D 154 -12.15 27.42 31.40
C VAL D 154 -12.81 26.77 30.20
N SER D 155 -12.16 26.86 29.05
CA SER D 155 -12.67 26.22 27.85
C SER D 155 -11.85 24.97 27.58
N LYS D 156 -12.51 23.89 27.17
CA LYS D 156 -11.83 22.60 27.08
C LYS D 156 -12.46 21.66 26.06
N ALA D 157 -11.68 20.67 25.63
CA ALA D 157 -12.20 19.62 24.76
C ALA D 157 -11.47 18.30 25.03
N ASN D 158 -12.23 17.21 24.95
CA ASN D 158 -11.70 15.87 25.14
C ASN D 158 -11.59 15.12 23.82
N PHE D 159 -10.36 14.92 23.36
CA PHE D 159 -10.11 14.18 22.13
C PHE D 159 -9.94 12.69 22.47
N SER D 160 -10.77 11.84 21.88
CA SER D 160 -10.63 10.40 22.08
C SER D 160 -9.69 9.82 21.04
N ILE D 161 -8.66 9.12 21.51
CA ILE D 161 -7.67 8.50 20.63
C ILE D 161 -7.68 7.00 20.86
N GLY D 162 -7.95 6.23 19.81
CA GLY D 162 -7.99 4.78 19.93
C GLY D 162 -8.91 4.12 18.94
N PRO D 163 -8.89 2.78 18.86
CA PRO D 163 -8.04 1.83 19.60
C PRO D 163 -6.56 2.00 19.25
N MET D 164 -5.71 2.00 20.26
CA MET D 164 -4.32 2.41 20.09
C MET D 164 -3.54 1.51 19.14
N MET D 165 -2.75 2.14 18.28
CA MET D 165 -1.85 1.45 17.38
C MET D 165 -0.70 2.38 17.05
N LEU D 166 0.32 1.86 16.38
CA LEU D 166 1.52 2.65 16.09
C LEU D 166 1.23 3.91 15.29
N ALA D 167 0.24 3.84 14.39
CA ALA D 167 -0.13 4.99 13.57
C ALA D 167 -0.67 6.15 14.41
N LEU D 168 -1.10 5.87 15.64
CA LEU D 168 -1.64 6.90 16.52
C LEU D 168 -0.63 7.35 17.58
N ALA D 169 0.52 6.69 17.61
CA ALA D 169 1.56 7.02 18.57
C ALA D 169 2.49 8.10 18.01
N GLY D 170 2.97 8.97 18.88
CA GLY D 170 3.82 10.06 18.46
C GLY D 170 3.71 11.28 19.37
N THR D 171 4.30 12.38 18.96
CA THR D 171 4.24 13.62 19.72
C THR D 171 3.03 14.44 19.30
N TYR D 172 2.18 14.77 20.26
CA TYR D 172 0.96 15.52 20.01
C TYR D 172 1.06 16.93 20.56
N ARG D 173 0.45 17.88 19.86
CA ARG D 173 0.28 19.25 20.36
C ARG D 173 -1.16 19.66 20.15
N CYS D 174 -1.73 20.44 21.06
CA CYS D 174 -3.07 20.98 20.81
C CYS D 174 -3.05 22.50 20.72
N TYR D 175 -4.05 23.04 20.02
CA TYR D 175 -4.13 24.45 19.68
C TYR D 175 -5.55 24.96 19.94
N GLY D 176 -5.67 26.25 20.22
CA GLY D 176 -6.98 26.87 20.27
C GLY D 176 -7.16 27.87 19.14
N SER D 177 -8.42 28.12 18.78
CA SER D 177 -8.75 29.19 17.84
C SER D 177 -9.98 29.95 18.33
N VAL D 178 -10.01 31.24 18.01
CA VAL D 178 -11.10 32.13 18.41
C VAL D 178 -12.04 32.43 17.24
N THR D 179 -13.28 32.80 17.58
CA THR D 179 -14.41 32.85 16.66
C THR D 179 -14.16 33.37 15.23
N HIS D 180 -13.55 34.54 15.13
CA HIS D 180 -13.49 35.24 13.85
C HIS D 180 -12.23 34.97 13.05
N THR D 181 -11.28 34.26 13.63
CA THR D 181 -10.09 33.85 12.86
C THR D 181 -9.89 32.33 12.99
N PRO D 182 -10.80 31.54 12.38
CA PRO D 182 -10.82 30.08 12.54
C PRO D 182 -9.56 29.39 12.00
N TYR D 183 -8.84 30.01 11.08
CA TYR D 183 -7.66 29.40 10.47
C TYR D 183 -6.38 29.84 11.16
N GLN D 184 -6.51 30.74 12.14
CA GLN D 184 -5.38 31.14 12.96
C GLN D 184 -5.42 30.38 14.28
N LEU D 185 -4.35 29.66 14.57
CA LEU D 185 -4.28 28.86 15.78
C LEU D 185 -3.40 29.52 16.84
N SER D 186 -3.62 29.16 18.09
CA SER D 186 -2.77 29.57 19.19
C SER D 186 -1.34 29.09 18.99
N ALA D 187 -0.46 29.48 19.91
CA ALA D 187 0.81 28.79 20.07
C ALA D 187 0.51 27.35 20.46
N PRO D 188 1.43 26.41 20.16
CA PRO D 188 1.12 25.02 20.52
C PRO D 188 1.28 24.75 22.02
N SER D 189 0.45 23.86 22.55
CA SER D 189 0.64 23.37 23.90
C SER D 189 2.01 22.74 24.03
N ASP D 190 2.48 22.58 25.27
CA ASP D 190 3.67 21.77 25.50
C ASP D 190 3.40 20.39 24.87
N PRO D 191 4.44 19.77 24.28
CA PRO D 191 4.27 18.50 23.58
C PRO D 191 3.94 17.35 24.51
N LEU D 192 3.17 16.39 24.01
CA LEU D 192 2.87 15.20 24.79
C LEU D 192 3.22 13.96 23.98
N ASP D 193 4.12 13.14 24.51
CA ASP D 193 4.52 11.93 23.81
C ASP D 193 3.57 10.79 24.15
N ILE D 194 2.78 10.38 23.16
CA ILE D 194 1.87 9.27 23.35
C ILE D 194 2.51 8.00 22.80
N VAL D 195 2.82 7.08 23.70
CA VAL D 195 3.52 5.84 23.36
C VAL D 195 2.60 4.65 23.47
N VAL D 196 2.56 3.82 22.42
CA VAL D 196 1.83 2.57 22.50
C VAL D 196 2.71 1.50 23.13
N THR D 197 2.15 0.73 24.07
CA THR D 197 2.93 -0.31 24.73
C THR D 197 2.40 -1.70 24.37
N GLY D 198 3.32 -2.62 24.06
CA GLY D 198 2.94 -3.98 23.70
C GLY D 198 2.69 -4.13 22.22
N PRO D 199 2.42 -5.36 21.76
CA PRO D 199 2.33 -6.56 22.59
C PRO D 199 3.69 -7.20 22.88
N TYR D 200 4.77 -6.53 22.46
CA TYR D 200 6.12 -7.01 22.70
C TYR D 200 6.34 -7.38 24.16
N GLU D 201 6.90 -8.57 24.40
CA GLU D 201 6.94 -9.14 25.76
C GLU D 201 7.68 -8.25 26.75
N LYS D 202 7.14 -8.19 27.97
CA LYS D 202 7.74 -7.35 29.00
C LYS D 202 9.12 -7.84 29.38
N PRO D 203 10.04 -6.90 29.64
CA PRO D 203 11.35 -7.27 30.15
C PRO D 203 11.31 -7.51 31.65
N SER D 204 12.42 -7.97 32.19
CA SER D 204 12.59 -8.16 33.62
C SER D 204 13.44 -7.03 34.20
N LEU D 205 13.00 -6.49 35.32
CA LEU D 205 13.73 -5.42 36.00
C LEU D 205 14.25 -5.91 37.34
N SER D 206 15.55 -5.79 37.56
CA SER D 206 16.13 -6.18 38.84
C SER D 206 17.08 -5.12 39.38
N ALA D 207 17.39 -5.20 40.67
CA ALA D 207 18.32 -4.25 41.26
C ALA D 207 19.57 -4.96 41.77
N GLN D 208 20.73 -4.33 41.58
CA GLN D 208 21.98 -4.89 42.04
C GLN D 208 22.73 -3.85 42.89
N PRO D 209 23.18 -4.26 44.09
CA PRO D 209 23.08 -5.61 44.65
C PRO D 209 21.66 -5.96 45.10
N GLY D 210 20.81 -4.95 45.20
CA GLY D 210 19.43 -5.15 45.56
C GLY D 210 18.73 -3.81 45.69
N PRO D 211 17.42 -3.83 46.02
CA PRO D 211 16.57 -2.64 46.06
C PRO D 211 16.66 -1.83 47.34
N LYS D 212 17.29 -2.38 48.38
CA LYS D 212 17.43 -1.65 49.63
C LYS D 212 18.80 -0.96 49.72
N VAL D 213 18.78 0.37 49.72
CA VAL D 213 20.01 1.15 49.72
C VAL D 213 19.91 2.40 50.59
N GLN D 214 20.93 2.59 51.39
CA GLN D 214 21.07 3.82 52.16
C GLN D 214 22.52 4.24 51.95
N ALA D 215 22.94 5.33 52.56
CA ALA D 215 24.32 5.84 52.39
C ALA D 215 24.23 6.55 51.03
N GLY D 216 25.21 6.56 50.13
CA GLY D 216 26.52 6.01 50.23
C GLY D 216 26.67 4.75 49.41
N GLU D 217 25.60 4.02 49.26
CA GLU D 217 25.64 2.81 48.49
C GLU D 217 25.12 3.00 47.08
N SER D 218 25.74 2.30 46.17
CA SER D 218 25.38 2.30 44.76
C SER D 218 24.31 1.25 44.47
N VAL D 219 23.31 1.65 43.69
CA VAL D 219 22.32 0.71 43.19
C VAL D 219 22.20 0.85 41.67
N THR D 220 22.19 -0.29 40.98
CA THR D 220 22.06 -0.30 39.53
C THR D 220 20.85 -1.13 39.11
N LEU D 221 19.99 -0.56 38.27
CA LEU D 221 18.78 -1.25 37.84
C LEU D 221 18.96 -1.86 36.46
N SER D 222 18.85 -3.17 36.37
CA SER D 222 19.05 -3.88 35.12
C SER D 222 17.73 -4.27 34.45
N CYS D 223 17.58 -3.88 33.19
CA CYS D 223 16.49 -4.36 32.34
C CYS D 223 17.02 -5.47 31.45
N SER D 224 16.28 -6.56 31.34
CA SER D 224 16.75 -7.73 30.60
C SER D 224 15.63 -8.45 29.88
N SER D 225 15.93 -9.00 28.71
CA SER D 225 14.92 -9.76 27.98
C SER D 225 15.59 -10.72 27.02
N ARG D 226 14.94 -11.83 26.70
CA ARG D 226 15.46 -12.68 25.64
C ARG D 226 15.02 -12.16 24.26
N SER D 227 14.04 -11.26 24.24
CA SER D 227 13.71 -10.57 22.98
C SER D 227 14.79 -9.54 22.66
N SER D 228 15.03 -9.36 21.36
CA SER D 228 16.16 -8.55 20.91
C SER D 228 15.85 -7.06 20.84
N TYR D 229 15.57 -6.45 21.99
CA TYR D 229 15.36 -5.01 22.04
C TYR D 229 16.66 -4.29 21.73
N ASP D 230 16.56 -3.13 21.12
CA ASP D 230 17.76 -2.34 20.81
C ASP D 230 18.01 -1.37 21.95
N MET D 231 16.95 -1.04 22.66
CA MET D 231 17.06 -0.01 23.68
C MET D 231 16.12 -0.28 24.85
N TYR D 232 16.52 0.19 26.03
CA TYR D 232 15.67 0.12 27.21
C TYR D 232 15.37 1.51 27.77
N HIS D 233 14.14 1.66 28.25
CA HIS D 233 13.65 2.89 28.87
C HIS D 233 13.34 2.61 30.34
N LEU D 234 13.99 3.36 31.22
CA LEU D 234 13.71 3.27 32.65
C LEU D 234 12.87 4.46 33.08
N SER D 235 11.73 4.14 33.68
CA SER D 235 10.76 5.14 34.13
C SER D 235 10.44 4.97 35.61
N ARG D 236 10.50 6.08 36.35
CA ARG D 236 10.11 6.09 37.75
C ARG D 236 8.72 6.70 37.87
N GLU D 237 7.87 6.11 38.72
CA GLU D 237 6.54 6.66 38.94
C GLU D 237 6.62 8.10 39.43
N GLY D 238 6.13 9.03 38.62
CA GLY D 238 6.21 10.44 38.92
C GLY D 238 7.60 11.03 38.77
N GLY D 239 7.70 12.35 38.90
CA GLY D 239 8.98 13.04 38.98
C GLY D 239 10.02 12.77 37.90
N ALA D 240 11.10 12.12 38.31
CA ALA D 240 12.29 11.90 37.47
C ALA D 240 11.95 11.52 36.03
N HIS D 241 12.64 12.17 35.09
CA HIS D 241 12.36 12.00 33.68
C HIS D 241 12.74 10.62 33.17
N GLU D 242 12.22 10.27 32.00
CA GLU D 242 12.53 9.02 31.33
C GLU D 242 14.01 8.94 31.00
N ARG D 243 14.63 7.80 31.26
CA ARG D 243 16.01 7.64 30.83
C ARG D 243 16.14 6.44 29.92
N ARG D 244 17.14 6.44 29.03
CA ARG D 244 17.24 5.37 28.05
C ARG D 244 18.68 4.96 27.78
N LEU D 245 18.88 3.67 27.51
CA LEU D 245 20.21 3.14 27.23
C LEU D 245 20.16 2.05 26.16
N PRO D 246 21.23 1.91 25.39
CA PRO D 246 21.29 0.81 24.41
C PRO D 246 21.31 -0.56 25.08
N ALA D 247 20.67 -1.53 24.45
CA ALA D 247 20.69 -2.89 24.95
C ALA D 247 21.97 -3.57 24.48
N VAL D 248 22.55 -4.40 25.35
CA VAL D 248 23.76 -5.15 25.05
C VAL D 248 23.48 -6.65 25.21
N ARG D 249 23.80 -7.44 24.18
CA ARG D 249 23.57 -8.88 24.24
C ARG D 249 24.63 -9.59 25.08
N LYS D 250 24.18 -10.38 26.04
CA LYS D 250 25.08 -11.09 26.95
C LYS D 250 25.35 -12.52 26.46
N VAL D 251 26.20 -13.24 27.19
CA VAL D 251 26.59 -14.58 26.78
C VAL D 251 25.41 -15.54 26.72
N ASN D 252 24.48 -15.40 27.65
CA ASN D 252 23.31 -16.25 27.69
C ASN D 252 22.19 -15.78 26.77
N ARG D 253 22.56 -14.89 25.84
CA ARG D 253 21.69 -14.40 24.77
C ARG D 253 20.55 -13.51 25.27
N THR D 254 20.69 -12.96 26.47
CA THR D 254 19.75 -11.93 26.90
C THR D 254 20.27 -10.58 26.44
N PHE D 255 19.34 -9.67 26.16
CA PHE D 255 19.66 -8.29 25.86
C PHE D 255 19.34 -7.47 27.11
N GLN D 256 20.34 -6.73 27.57
CA GLN D 256 20.29 -6.12 28.90
C GLN D 256 20.87 -4.72 28.87
N ALA D 257 20.32 -3.85 29.73
CA ALA D 257 20.92 -2.54 29.98
C ALA D 257 20.99 -2.28 31.48
N ASP D 258 22.09 -1.68 31.91
CA ASP D 258 22.31 -1.36 33.32
C ASP D 258 22.20 0.15 33.57
N PHE D 259 21.23 0.53 34.39
CA PHE D 259 21.01 1.93 34.74
C PHE D 259 21.54 2.24 36.13
N PRO D 260 22.72 2.86 36.22
CA PRO D 260 23.24 3.20 37.55
C PRO D 260 22.50 4.39 38.14
N LEU D 261 22.13 4.30 39.41
CA LEU D 261 21.43 5.42 40.06
C LEU D 261 22.36 6.19 40.99
N GLY D 262 21.79 7.11 41.76
CA GLY D 262 22.54 7.84 42.77
C GLY D 262 23.43 8.92 42.18
N PRO D 263 24.13 9.66 43.04
CA PRO D 263 24.12 9.49 44.51
C PRO D 263 22.90 10.10 45.17
N ALA D 264 22.13 10.89 44.42
CA ALA D 264 20.96 11.57 44.95
C ALA D 264 19.77 10.63 45.14
N THR D 265 19.22 10.17 44.02
CA THR D 265 17.94 9.43 43.93
C THR D 265 17.39 8.85 45.23
N HIS D 266 16.19 9.30 45.60
CA HIS D 266 15.54 8.85 46.82
C HIS D 266 14.59 7.69 46.55
N GLY D 267 14.97 6.86 45.58
CA GLY D 267 14.20 5.68 45.26
C GLY D 267 12.84 6.00 44.66
N GLY D 268 11.94 5.03 44.73
CA GLY D 268 10.63 5.15 44.13
C GLY D 268 10.28 3.86 43.44
N THR D 269 9.17 3.84 42.70
CA THR D 269 8.75 2.63 42.02
C THR D 269 9.10 2.68 40.54
N TYR D 270 9.92 1.74 40.10
CA TYR D 270 10.48 1.76 38.74
C TYR D 270 9.89 0.69 37.84
N ARG D 271 9.82 1.02 36.55
CA ARG D 271 9.45 0.08 35.50
C ARG D 271 10.38 0.29 34.32
N CYS D 272 10.55 -0.74 33.49
CA CYS D 272 11.33 -0.56 32.28
C CYS D 272 10.66 -1.14 31.05
N PHE D 273 11.02 -0.61 29.88
CA PHE D 273 10.42 -0.97 28.61
C PHE D 273 11.48 -1.22 27.56
N GLY D 274 11.21 -2.14 26.65
CA GLY D 274 12.10 -2.34 25.53
C GLY D 274 11.55 -1.63 24.30
N SER D 275 12.46 -1.21 23.42
CA SER D 275 12.09 -0.64 22.14
C SER D 275 13.15 -0.96 21.09
N PHE D 276 12.79 -0.70 19.84
CA PHE D 276 13.64 -1.05 18.69
C PHE D 276 14.14 0.19 17.97
N ARG D 277 15.20 0.02 17.19
CA ARG D 277 15.80 1.13 16.44
C ARG D 277 14.80 1.76 15.47
N HIS D 278 14.89 3.07 15.37
CA HIS D 278 14.06 3.87 14.45
C HIS D 278 12.57 3.81 14.76
N SER D 279 12.24 3.39 15.98
CA SER D 279 10.84 3.31 16.40
C SER D 279 10.63 3.77 17.85
N PRO D 280 10.77 5.07 18.10
CA PRO D 280 10.80 5.62 19.46
C PRO D 280 9.46 5.65 20.20
N TYR D 281 8.34 5.48 19.48
CA TYR D 281 7.02 5.62 20.12
C TYR D 281 6.27 4.30 20.31
N GLU D 282 6.94 3.17 20.07
CA GLU D 282 6.34 1.88 20.42
C GLU D 282 7.27 1.15 21.38
N TRP D 283 6.75 0.88 22.57
CA TRP D 283 7.51 0.18 23.60
C TRP D 283 6.88 -1.17 23.88
N SER D 284 7.65 -2.02 24.53
CA SER D 284 7.17 -3.29 25.06
C SER D 284 6.08 -3.09 26.12
N ASP D 285 5.43 -4.18 26.50
CA ASP D 285 4.70 -4.21 27.77
C ASP D 285 5.64 -3.78 28.90
N PRO D 286 5.11 -3.11 29.92
CA PRO D 286 5.95 -2.70 31.06
C PRO D 286 6.42 -3.90 31.89
N SER D 287 7.64 -3.83 32.41
CA SER D 287 8.13 -4.83 33.35
C SER D 287 7.31 -4.79 34.63
N ASP D 288 7.48 -5.80 35.48
CA ASP D 288 6.91 -5.73 36.82
C ASP D 288 7.53 -4.56 37.53
N PRO D 289 6.75 -3.89 38.40
CA PRO D 289 7.30 -2.77 39.17
C PRO D 289 8.38 -3.21 40.15
N LEU D 290 9.33 -2.33 40.42
CA LEU D 290 10.38 -2.59 41.39
C LEU D 290 10.51 -1.40 42.33
N LEU D 291 10.22 -1.60 43.59
CA LEU D 291 10.31 -0.52 44.55
C LEU D 291 11.71 -0.37 45.07
N VAL D 292 12.28 0.80 44.89
CA VAL D 292 13.61 1.05 45.39
C VAL D 292 13.44 1.94 46.61
N SER D 293 14.08 1.53 47.71
CA SER D 293 14.01 2.21 49.01
C SER D 293 15.34 2.73 49.54
N VAL D 294 15.41 4.01 49.82
CA VAL D 294 16.62 4.61 50.30
C VAL D 294 16.67 4.80 51.80
C1 NAG E . -13.13 23.93 2.98
C2 NAG E . -14.03 23.70 4.19
C3 NAG E . -15.11 22.69 3.85
C4 NAG E . -15.86 23.11 2.59
C5 NAG E . -14.87 23.40 1.46
C6 NAG E . -15.52 23.94 0.22
C7 NAG E . -13.10 23.96 6.46
C8 NAG E . -13.81 25.29 6.49
N2 NAG E . -13.25 23.25 5.34
O3 NAG E . -16.02 22.56 4.93
O4 NAG E . -16.76 22.09 2.18
O5 NAG E . -13.91 24.37 1.88
O6 NAG E . -14.56 24.43 -0.71
O7 NAG E . -12.43 23.56 7.41
C1 NAG F . -12.94 14.55 29.71
C2 NAG F . -14.24 14.07 30.37
C3 NAG F . -14.16 14.16 31.89
C4 NAG F . -12.89 13.49 32.41
C5 NAG F . -11.67 14.04 31.67
C6 NAG F . -10.39 13.37 32.05
C7 NAG F . -15.56 16.13 30.06
C8 NAG F . -16.80 16.71 29.46
N2 NAG F . -15.39 14.82 29.87
O3 NAG F . -15.29 13.52 32.47
O4 NAG F . -12.73 13.76 33.79
O5 NAG F . -11.84 13.83 30.25
O6 NAG F . -10.45 11.96 31.80
O7 NAG F . -14.75 16.82 30.67
C1 NAG G . 21.18 -14.72 31.31
C2 NAG G . 20.52 -15.92 31.97
C3 NAG G . 19.46 -15.46 32.98
C4 NAG G . 20.07 -14.47 33.96
C5 NAG G . 20.77 -13.33 33.22
C6 NAG G . 21.51 -12.38 34.13
C7 NAG G . 20.03 -18.13 31.01
C8 NAG G . 19.35 -18.87 29.89
N2 NAG G . 19.92 -16.80 30.98
O3 NAG G . 18.94 -16.59 33.68
O4 NAG G . 19.05 -13.91 34.78
O5 NAG G . 21.75 -13.89 32.31
O6 NAG G . 22.68 -11.87 33.50
O7 NAG G . 20.65 -18.71 31.89
#